data_2NNL
#
_entry.id   2NNL
#
_cell.length_a   87.825
_cell.length_b   90.143
_cell.length_c   93.297
_cell.angle_alpha   90.000
_cell.angle_beta   90.000
_cell.angle_gamma   90.000
#
_symmetry.space_group_name_H-M   'P 21 21 21'
#
loop_
_entity.id
_entity.type
_entity.pdbx_description
1 polymer 'Dihydroflavonol 4-reductase'
2 non-polymer 'NADP NICOTINAMIDE-ADENINE-DINUCLEOTIDE PHOSPHATE'
3 non-polymer (2S)-2-(3,4-DIHYDROXYPHENYL)-5,7-DIHYDROXY-2,3-DIHYDRO-4H-CHROMEN-4-ONE
4 water water
#
_entity_poly.entity_id   1
_entity_poly.type   'polypeptide(L)'
_entity_poly.pdbx_seq_one_letter_code
;MGSQSETVCVTGASGFIGSWLVMRLLERGYTVRATVRDPTNVKKVKHLLDLPKAETHLTLWKADLADEGSFDEAIKGCTG
VFHVATPMDFESKDPENEVIKPTIEGMLGIMKSCAAAKTVRRLVFTSSAGTVNIQEHQLPVYDESCWSDMEFCRAKKMTA
WMYFVSKTLAEQAAWKYAKENNIDFITIIPTLVVGPFIMSSMPPSLITALSPITGNEAHYSIIRQGQFVHLDDLCNAHIY
LFENPKAEGRYICSSHDCIILDLAKMLREKYPEYNIPTEFKGVDENLKSVCFSSKKLTDLGFEFKYSLEDMFTGAVDTCR
AKGLLPPSHEKPVDGKT
;
_entity_poly.pdbx_strand_id   D,F
#
loop_
_chem_comp.id
_chem_comp.type
_chem_comp.name
_chem_comp.formula
ERD non-polymer (2S)-2-(3,4-DIHYDROXYPHENYL)-5,7-DIHYDROXY-2,3-DIHYDRO-4H-CHROMEN-4-ONE 'C15 H12 O6'
NAP non-polymer 'NADP NICOTINAMIDE-ADENINE-DINUCLEOTIDE PHOSPHATE' 'C21 H28 N7 O17 P3'
#
# COMPACT_ATOMS: atom_id res chain seq x y z
N GLU A 6 32.59 6.79 10.40
CA GLU A 6 31.62 5.89 9.71
C GLU A 6 30.70 6.63 8.74
N THR A 7 29.95 5.87 7.95
CA THR A 7 29.18 6.40 6.83
C THR A 7 27.69 6.34 7.09
N VAL A 8 27.05 7.50 7.14
CA VAL A 8 25.62 7.55 7.37
C VAL A 8 24.87 8.22 6.22
N CYS A 9 23.62 7.83 6.03
CA CYS A 9 22.75 8.41 5.03
C CYS A 9 21.76 9.36 5.70
N VAL A 10 21.65 10.60 5.19
CA VAL A 10 20.64 11.52 5.69
C VAL A 10 19.66 11.79 4.55
N THR A 11 18.40 11.40 4.71
CA THR A 11 17.40 11.72 3.69
C THR A 11 16.89 13.14 3.90
N GLY A 12 16.42 13.81 2.85
CA GLY A 12 15.91 15.18 2.96
C GLY A 12 16.94 16.17 3.45
N ALA A 13 18.16 16.01 2.98
CA ALA A 13 19.31 16.80 3.43
C ALA A 13 19.27 18.28 3.05
N SER A 14 18.37 18.67 2.16
CA SER A 14 18.30 20.06 1.73
C SER A 14 17.44 20.89 2.67
N GLY A 15 16.63 20.22 3.48
CA GLY A 15 15.64 20.87 4.36
C GLY A 15 16.19 21.47 5.66
N PHE A 16 15.31 22.15 6.39
CA PHE A 16 15.56 22.81 7.68
C PHE A 16 16.38 21.93 8.62
N ILE A 17 15.83 20.80 9.00
CA ILE A 17 16.47 19.87 9.95
C ILE A 17 17.57 19.09 9.26
N GLY A 18 17.25 18.59 8.06
CA GLY A 18 18.16 17.77 7.28
C GLY A 18 19.53 18.40 7.07
N SER A 19 19.55 19.68 6.66
CA SER A 19 20.82 20.33 6.35
C SER A 19 21.68 20.62 7.58
N TRP A 20 21.04 20.98 8.70
CA TRP A 20 21.72 21.24 9.98
C TRP A 20 22.31 19.97 10.56
N LEU A 21 21.56 18.88 10.42
CA LEU A 21 22.04 17.58 10.80
C LEU A 21 23.28 17.15 10.02
N VAL A 22 23.26 17.38 8.70
CA VAL A 22 24.41 17.06 7.86
C VAL A 22 25.62 17.86 8.32
N MET A 23 25.43 19.14 8.58
CA MET A 23 26.48 19.99 9.11
C MET A 23 27.08 19.42 10.41
N ARG A 24 26.24 19.11 11.39
CA ARG A 24 26.67 18.55 12.67
C ARG A 24 27.32 17.18 12.54
N LEU A 25 26.83 16.38 11.60
CA LEU A 25 27.43 15.07 11.33
C LEU A 25 28.84 15.18 10.73
N LEU A 26 29.01 16.06 9.73
CA LEU A 26 30.31 16.28 9.11
C LEU A 26 31.29 16.86 10.11
N GLU A 27 30.81 17.78 10.94
CA GLU A 27 31.56 18.35 12.08
C GLU A 27 32.08 17.33 13.06
N ARG A 28 31.32 16.24 13.22
CA ARG A 28 31.65 15.16 14.16
C ARG A 28 32.55 14.06 13.54
N GLY A 29 32.87 14.20 12.25
CA GLY A 29 33.80 13.29 11.59
C GLY A 29 33.16 12.17 10.78
N TYR A 30 31.84 12.23 10.64
CA TYR A 30 31.10 11.26 9.83
C TYR A 30 31.32 11.48 8.35
N THR A 31 31.21 10.40 7.59
CA THR A 31 31.08 10.49 6.16
C THR A 31 29.57 10.45 5.90
N VAL A 32 29.07 11.48 5.19
CA VAL A 32 27.64 11.63 4.97
C VAL A 32 27.25 11.42 3.51
N ARG A 33 26.24 10.57 3.31
CA ARG A 33 25.54 10.50 2.04
C ARG A 33 24.21 11.21 2.17
N ALA A 34 24.07 12.34 1.49
CA ALA A 34 22.90 13.18 1.59
C ALA A 34 21.97 12.97 0.40
N THR A 35 20.70 12.69 0.65
CA THR A 35 19.78 12.53 -0.48
C THR A 35 18.99 13.82 -0.72
N VAL A 36 18.67 14.05 -1.99
CA VAL A 36 17.84 15.17 -2.41
C VAL A 36 17.03 14.70 -3.63
N ARG A 37 15.87 15.29 -3.87
CA ARG A 37 15.06 14.99 -5.05
C ARG A 37 15.64 15.56 -6.33
N ASP A 38 16.26 16.73 -6.23
CA ASP A 38 16.82 17.41 -7.39
C ASP A 38 18.19 18.05 -7.10
N PRO A 39 19.29 17.37 -7.49
CA PRO A 39 20.66 17.89 -7.30
C PRO A 39 21.07 19.06 -8.22
N THR A 40 20.29 19.36 -9.26
CA THR A 40 20.59 20.51 -10.09
C THR A 40 20.04 21.80 -9.52
N ASN A 41 19.27 21.70 -8.44
CA ASN A 41 18.74 22.90 -7.82
C ASN A 41 19.79 23.56 -6.92
N VAL A 42 20.28 24.72 -7.38
CA VAL A 42 21.38 25.44 -6.73
C VAL A 42 21.03 25.96 -5.33
N LYS A 43 19.78 26.39 -5.14
CA LYS A 43 19.29 26.87 -3.83
C LYS A 43 19.14 25.74 -2.80
N LYS A 44 19.02 24.51 -3.27
CA LYS A 44 18.87 23.33 -2.42
C LYS A 44 20.19 22.68 -2.04
N VAL A 45 21.23 22.88 -2.86
CA VAL A 45 22.48 22.14 -2.70
C VAL A 45 23.72 22.98 -2.37
N LYS A 46 23.69 24.27 -2.68
CA LYS A 46 24.84 25.13 -2.46
C LYS A 46 25.18 25.20 -0.98
N HIS A 47 24.16 25.29 -0.13
CA HIS A 47 24.38 25.33 1.32
C HIS A 47 24.98 24.04 1.91
N LEU A 48 24.72 22.91 1.26
CA LEU A 48 25.35 21.65 1.63
C LEU A 48 26.82 21.57 1.18
N LEU A 49 27.09 22.07 -0.02
CA LEU A 49 28.42 21.99 -0.63
C LEU A 49 29.40 22.95 0.01
N ASP A 50 28.87 24.06 0.52
CA ASP A 50 29.67 25.05 1.23
C ASP A 50 30.02 24.65 2.67
N LEU A 51 29.54 23.48 3.10
CA LEU A 51 29.79 23.02 4.46
C LEU A 51 31.23 22.59 4.61
N PRO A 52 31.84 22.89 5.77
CA PRO A 52 33.19 22.38 6.00
C PRO A 52 33.23 20.84 5.99
N LYS A 53 34.12 20.32 5.15
CA LYS A 53 34.35 18.90 4.93
C LYS A 53 33.53 18.31 3.77
N ALA A 54 32.74 19.15 3.10
CA ALA A 54 31.89 18.71 1.99
C ALA A 54 32.65 18.05 0.86
N GLU A 55 33.74 18.66 0.39
CA GLU A 55 34.48 18.16 -0.77
C GLU A 55 34.94 16.73 -0.57
N THR A 56 35.34 16.42 0.67
CA THR A 56 35.93 15.12 1.01
C THR A 56 34.96 14.14 1.66
N HIS A 57 33.99 14.64 2.44
CA HIS A 57 33.13 13.76 3.27
C HIS A 57 31.62 13.74 2.95
N LEU A 58 31.20 14.48 1.94
CA LEU A 58 29.80 14.55 1.56
C LEU A 58 29.61 14.13 0.11
N THR A 59 28.68 13.20 -0.11
CA THR A 59 28.21 12.89 -1.46
C THR A 59 26.71 13.16 -1.54
N LEU A 60 26.22 13.44 -2.75
CA LEU A 60 24.80 13.69 -2.99
C LEU A 60 24.19 12.54 -3.79
N TRP A 61 22.97 12.17 -3.44
CA TRP A 61 22.27 11.08 -4.08
C TRP A 61 20.85 11.55 -4.41
N LYS A 62 20.42 11.27 -5.63
CA LYS A 62 19.10 11.61 -6.11
C LYS A 62 18.13 10.52 -5.70
N ALA A 63 17.06 10.91 -5.01
CA ALA A 63 16.08 9.95 -4.50
C ALA A 63 14.77 10.63 -4.19
N ASP A 64 13.67 9.89 -4.37
CA ASP A 64 12.30 10.37 -4.11
C ASP A 64 11.50 9.27 -3.40
N LEU A 65 10.75 9.65 -2.37
CA LEU A 65 9.93 8.71 -1.60
C LEU A 65 8.83 8.04 -2.43
N ALA A 66 8.39 8.74 -3.49
CA ALA A 66 7.42 8.21 -4.45
C ALA A 66 7.96 7.07 -5.34
N ASP A 67 9.28 6.98 -5.48
CA ASP A 67 9.88 5.95 -6.35
C ASP A 67 10.38 4.78 -5.54
N GLU A 68 9.86 3.60 -5.86
CA GLU A 68 10.21 2.37 -5.18
C GLU A 68 11.68 2.06 -5.39
N GLY A 69 12.38 1.79 -4.30
CA GLY A 69 13.78 1.40 -4.33
C GLY A 69 14.79 2.50 -4.59
N SER A 70 14.35 3.76 -4.65
CA SER A 70 15.25 4.85 -5.02
C SER A 70 16.34 5.18 -3.98
N PHE A 71 16.20 4.67 -2.75
CA PHE A 71 17.17 4.93 -1.69
C PHE A 71 18.13 3.76 -1.53
N ASP A 72 17.93 2.73 -2.35
CA ASP A 72 18.73 1.49 -2.35
C ASP A 72 20.24 1.73 -2.43
N GLU A 73 20.66 2.57 -3.37
CA GLU A 73 22.10 2.77 -3.63
C GLU A 73 22.76 3.63 -2.56
N ALA A 74 22.07 4.69 -2.13
CA ALA A 74 22.56 5.55 -1.05
C ALA A 74 22.74 4.78 0.26
N ILE A 75 21.85 3.85 0.56
CA ILE A 75 21.85 3.15 1.84
C ILE A 75 22.85 1.97 1.93
N LYS A 76 23.07 1.28 0.81
CA LYS A 76 24.07 0.20 0.74
C LYS A 76 25.45 0.72 1.17
N GLY A 77 26.02 0.12 2.21
CA GLY A 77 27.33 0.54 2.71
C GLY A 77 27.33 1.42 3.96
N CYS A 78 26.18 2.04 4.25
CA CYS A 78 26.00 2.91 5.42
C CYS A 78 25.90 2.11 6.69
N THR A 79 26.38 2.69 7.78
CA THR A 79 26.31 2.04 9.08
C THR A 79 25.09 2.57 9.86
N GLY A 80 24.47 3.61 9.33
CA GLY A 80 23.26 4.19 9.91
C GLY A 80 22.51 5.05 8.92
N VAL A 81 21.21 5.23 9.17
CA VAL A 81 20.36 6.05 8.29
C VAL A 81 19.48 6.95 9.14
N PHE A 82 19.46 8.23 8.80
CA PHE A 82 18.54 9.19 9.35
C PHE A 82 17.52 9.50 8.29
N HIS A 83 16.30 9.00 8.48
CA HIS A 83 15.19 9.33 7.62
C HIS A 83 14.49 10.62 8.08
N VAL A 84 14.80 11.72 7.42
CA VAL A 84 14.32 13.05 7.81
C VAL A 84 13.35 13.61 6.75
N ALA A 85 13.44 13.10 5.51
CA ALA A 85 12.63 13.61 4.39
C ALA A 85 11.16 13.28 4.56
N THR A 86 10.30 14.20 4.10
CA THR A 86 8.86 14.00 4.14
C THR A 86 8.18 15.04 3.27
N PRO A 87 7.10 14.63 2.56
CA PRO A 87 6.15 15.53 1.90
C PRO A 87 5.51 16.56 2.86
N MET A 88 5.72 17.85 2.60
CA MET A 88 5.37 18.90 3.55
C MET A 88 4.19 19.83 3.15
N ASP A 89 3.45 19.46 2.11
CA ASP A 89 2.34 20.30 1.63
C ASP A 89 1.08 20.16 2.51
N PHE A 90 0.70 21.26 3.15
CA PHE A 90 -0.51 21.29 3.97
C PHE A 90 -1.77 21.56 3.15
N GLU A 91 -1.60 22.11 1.96
CA GLU A 91 -2.72 22.61 1.15
C GLU A 91 -2.96 21.77 -0.11
N SER A 92 -2.63 20.48 -0.04
CA SER A 92 -2.73 19.56 -1.16
C SER A 92 -4.18 19.23 -1.51
N LYS A 93 -4.50 19.23 -2.81
CA LYS A 93 -5.85 18.94 -3.27
C LYS A 93 -6.08 17.42 -3.39
N ASP A 94 -4.99 16.66 -3.43
CA ASP A 94 -5.09 15.19 -3.39
C ASP A 94 -4.24 14.62 -2.25
N PRO A 95 -4.74 14.75 -0.98
CA PRO A 95 -4.01 14.35 0.22
C PRO A 95 -3.57 12.89 0.27
N GLU A 96 -4.43 11.99 -0.18
CA GLU A 96 -4.15 10.56 -0.09
C GLU A 96 -2.96 10.13 -0.94
N ASN A 97 -2.87 10.65 -2.16
CA ASN A 97 -1.81 10.22 -3.09
C ASN A 97 -0.55 11.07 -3.05
N GLU A 98 -0.71 12.37 -2.84
CA GLU A 98 0.42 13.30 -2.91
C GLU A 98 1.21 13.39 -1.59
N VAL A 99 0.57 13.03 -0.48
CA VAL A 99 1.15 13.14 0.87
C VAL A 99 1.14 11.83 1.67
N ILE A 100 -0.05 11.33 1.99
CA ILE A 100 -0.19 10.18 2.88
C ILE A 100 0.52 8.94 2.39
N LYS A 101 0.22 8.55 1.14
CA LYS A 101 0.73 7.31 0.54
C LYS A 101 2.27 7.27 0.35
N PRO A 102 2.87 8.29 -0.29
CA PRO A 102 4.34 8.32 -0.40
C PRO A 102 5.08 8.40 0.95
N THR A 103 4.48 9.04 1.96
CA THR A 103 5.09 9.07 3.30
C THR A 103 5.24 7.66 3.90
N ILE A 104 4.15 6.88 3.87
CA ILE A 104 4.16 5.49 4.37
C ILE A 104 5.00 4.53 3.53
N GLU A 105 4.80 4.56 2.21
CA GLU A 105 5.53 3.64 1.35
C GLU A 105 7.01 4.01 1.22
N GLY A 106 7.29 5.32 1.21
CA GLY A 106 8.67 5.79 1.27
C GLY A 106 9.36 5.27 2.51
N MET A 107 8.72 5.47 3.67
CA MET A 107 9.21 4.94 4.95
C MET A 107 9.49 3.44 4.90
N LEU A 108 8.51 2.64 4.47
CA LEU A 108 8.68 1.18 4.43
C LEU A 108 9.74 0.80 3.42
N GLY A 109 9.75 1.52 2.31
CA GLY A 109 10.80 1.36 1.29
C GLY A 109 12.22 1.56 1.83
N ILE A 110 12.40 2.60 2.63
CA ILE A 110 13.69 2.84 3.27
C ILE A 110 14.07 1.74 4.26
N MET A 111 13.07 1.21 4.97
CA MET A 111 13.33 0.11 5.92
C MET A 111 13.74 -1.16 5.19
N LYS A 112 13.12 -1.40 4.05
CA LYS A 112 13.52 -2.50 3.18
C LYS A 112 14.90 -2.23 2.56
N SER A 113 15.11 -1.01 2.07
CA SER A 113 16.42 -0.61 1.54
C SER A 113 17.52 -0.88 2.55
N CYS A 114 17.21 -0.64 3.83
CA CYS A 114 18.12 -0.91 4.95
C CYS A 114 18.36 -2.40 5.16
N ALA A 115 17.28 -3.17 5.23
CA ALA A 115 17.36 -4.63 5.39
C ALA A 115 18.21 -5.26 4.28
N ALA A 116 17.96 -4.83 3.05
CA ALA A 116 18.72 -5.29 1.88
C ALA A 116 20.20 -4.90 1.90
N ALA A 117 20.54 -3.82 2.61
CA ALA A 117 21.92 -3.31 2.68
C ALA A 117 22.82 -4.19 3.55
N LYS A 118 22.27 -4.70 4.65
CA LYS A 118 22.96 -5.57 5.62
C LYS A 118 23.98 -4.85 6.51
N THR A 119 24.33 -3.62 6.13
CA THR A 119 25.38 -2.86 6.81
C THR A 119 24.82 -1.90 7.87
N VAL A 120 23.53 -1.59 7.77
CA VAL A 120 22.93 -0.52 8.56
C VAL A 120 22.69 -1.02 9.99
N ARG A 121 23.35 -0.42 10.97
CA ARG A 121 23.20 -0.91 12.33
C ARG A 121 22.03 -0.29 13.09
N ARG A 122 21.58 0.90 12.66
CA ARG A 122 20.45 1.56 13.27
C ARG A 122 19.81 2.57 12.32
N LEU A 123 18.48 2.53 12.27
CA LEU A 123 17.68 3.48 11.51
C LEU A 123 17.04 4.42 12.50
N VAL A 124 17.23 5.73 12.30
CA VAL A 124 16.62 6.74 13.13
C VAL A 124 15.61 7.55 12.29
N PHE A 125 14.34 7.44 12.67
CA PHE A 125 13.26 8.11 11.97
C PHE A 125 12.84 9.38 12.72
N THR A 126 12.79 10.49 12.00
CA THR A 126 12.29 11.72 12.58
C THR A 126 10.78 11.75 12.43
N SER A 127 10.08 11.58 13.55
CA SER A 127 8.64 11.50 13.54
C SER A 127 8.13 12.90 13.80
N SER A 128 6.97 13.01 14.43
CA SER A 128 6.38 14.32 14.65
C SER A 128 5.46 14.31 15.88
N ALA A 129 5.43 15.44 16.61
CA ALA A 129 4.50 15.60 17.74
C ALA A 129 3.04 15.39 17.29
N GLY A 130 2.80 15.53 15.99
CA GLY A 130 1.44 15.34 15.43
C GLY A 130 0.99 13.89 15.46
N THR A 131 1.93 12.99 15.71
CA THR A 131 1.62 11.59 15.92
C THR A 131 1.22 11.31 17.38
N VAL A 132 1.37 12.32 18.25
CA VAL A 132 1.18 12.14 19.70
C VAL A 132 -0.12 12.75 20.23
N ASN A 133 -0.34 14.04 20.01
CA ASN A 133 -1.37 14.79 20.74
C ASN A 133 -2.50 15.34 19.89
N ILE A 134 -2.78 14.69 18.78
CA ILE A 134 -3.94 15.10 17.99
C ILE A 134 -5.17 14.31 18.46
N GLN A 135 -5.81 14.86 19.48
CA GLN A 135 -7.11 14.38 19.95
C GLN A 135 -7.88 15.56 20.49
N GLU A 136 -9.19 15.35 20.66
CA GLU A 136 -10.10 16.42 21.03
C GLU A 136 -9.78 17.00 22.39
N HIS A 137 -9.54 16.14 23.36
CA HIS A 137 -9.16 16.61 24.70
C HIS A 137 -7.65 16.53 24.91
N GLN A 138 -7.04 17.65 25.30
CA GLN A 138 -5.60 17.70 25.55
C GLN A 138 -5.28 17.34 27.02
N LEU A 139 -4.47 16.31 27.20
CA LEU A 139 -3.89 16.00 28.50
C LEU A 139 -2.89 17.06 28.88
N PRO A 140 -2.61 17.23 30.18
CA PRO A 140 -1.64 18.26 30.60
C PRO A 140 -0.19 17.92 30.22
N VAL A 141 0.13 16.63 30.15
CA VAL A 141 1.47 16.18 29.79
C VAL A 141 1.39 14.96 28.88
N TYR A 142 2.17 14.99 27.79
CA TYR A 142 2.26 13.84 26.87
C TYR A 142 3.59 13.12 26.98
N ASP A 143 3.55 11.80 26.82
CA ASP A 143 4.77 11.01 26.76
C ASP A 143 4.74 10.05 25.56
N GLU A 144 5.72 9.15 25.50
CA GLU A 144 5.93 8.25 24.37
C GLU A 144 4.87 7.17 24.19
N SER A 145 4.03 7.00 25.20
CA SER A 145 2.96 6.00 25.12
C SER A 145 1.76 6.55 24.34
N CYS A 146 1.72 7.86 24.15
CA CYS A 146 0.56 8.50 23.54
C CYS A 146 0.62 8.52 22.01
N TRP A 147 -0.52 8.18 21.39
CA TRP A 147 -0.71 8.28 19.94
C TRP A 147 -1.88 9.18 19.56
N SER A 148 -1.82 9.74 18.35
CA SER A 148 -2.90 10.59 17.87
C SER A 148 -4.14 9.79 17.47
N ASP A 149 -5.27 10.49 17.51
CA ASP A 149 -6.57 9.96 17.14
C ASP A 149 -6.86 10.26 15.66
N MET A 150 -6.74 9.23 14.81
CA MET A 150 -6.90 9.40 13.36
C MET A 150 -8.30 9.79 12.93
N GLU A 151 -9.31 9.17 13.56
CA GLU A 151 -10.72 9.47 13.27
C GLU A 151 -11.02 10.94 13.52
N PHE A 152 -10.54 11.45 14.65
CA PHE A 152 -10.71 12.87 15.00
C PHE A 152 -9.95 13.78 14.02
N CYS A 153 -8.76 13.34 13.64
CA CYS A 153 -7.89 14.11 12.80
C CYS A 153 -8.52 14.32 11.42
N ARG A 154 -9.02 13.24 10.84
CA ARG A 154 -9.64 13.24 9.52
C ARG A 154 -10.96 14.02 9.47
N ALA A 155 -11.67 14.03 10.60
CA ALA A 155 -12.96 14.67 10.72
C ALA A 155 -12.85 16.16 10.99
N LYS A 156 -12.02 16.54 11.96
CA LYS A 156 -11.82 17.96 12.29
C LYS A 156 -11.20 18.74 11.14
N LYS A 157 -10.26 18.11 10.43
CA LYS A 157 -9.47 18.72 9.34
C LYS A 157 -8.83 20.06 9.72
N MET A 158 -8.14 20.08 10.85
CA MET A 158 -7.39 21.26 11.25
C MET A 158 -6.20 21.54 10.30
N THR A 159 -5.56 22.69 10.47
CA THR A 159 -4.35 22.99 9.73
C THR A 159 -3.37 21.82 9.90
N ALA A 160 -2.88 21.29 8.78
CA ALA A 160 -1.87 20.21 8.75
C ALA A 160 -2.40 18.81 9.02
N TRP A 161 -3.72 18.64 9.03
CA TRP A 161 -4.29 17.32 9.31
C TRP A 161 -3.69 16.22 8.46
N MET A 162 -3.54 16.47 7.15
CA MET A 162 -3.07 15.42 6.22
C MET A 162 -1.64 15.00 6.53
N TYR A 163 -0.85 15.99 6.94
CA TYR A 163 0.51 15.80 7.39
C TYR A 163 0.57 14.99 8.69
N PHE A 164 -0.27 15.36 9.67
CA PHE A 164 -0.40 14.60 10.93
C PHE A 164 -0.78 13.15 10.70
N VAL A 165 -1.74 12.92 9.80
CA VAL A 165 -2.17 11.57 9.43
C VAL A 165 -1.03 10.77 8.80
N SER A 166 -0.34 11.37 7.83
CA SER A 166 0.73 10.65 7.14
C SER A 166 1.86 10.26 8.10
N LYS A 167 2.23 11.17 9.00
CA LYS A 167 3.30 10.91 9.96
C LYS A 167 2.90 9.82 10.92
N THR A 168 1.65 9.89 11.40
CA THR A 168 1.13 8.89 12.38
C THR A 168 1.11 7.49 11.78
N LEU A 169 0.53 7.38 10.58
CA LEU A 169 0.45 6.14 9.86
C LEU A 169 1.80 5.57 9.43
N ALA A 170 2.72 6.44 9.03
CA ALA A 170 4.07 6.01 8.67
C ALA A 170 4.80 5.41 9.87
N GLU A 171 4.73 6.10 11.01
CA GLU A 171 5.41 5.61 12.23
C GLU A 171 4.84 4.29 12.76
N GLN A 172 3.52 4.15 12.77
CA GLN A 172 2.90 2.90 13.18
C GLN A 172 3.28 1.74 12.27
N ALA A 173 3.25 1.98 10.96
CA ALA A 173 3.67 0.98 9.97
C ALA A 173 5.14 0.60 10.13
N ALA A 174 5.98 1.59 10.45
CA ALA A 174 7.41 1.37 10.63
C ALA A 174 7.72 0.48 11.83
N TRP A 175 7.04 0.74 12.95
CA TRP A 175 7.16 -0.11 14.14
C TRP A 175 6.75 -1.55 13.93
N LYS A 176 5.68 -1.75 13.15
CA LYS A 176 5.22 -3.08 12.77
C LYS A 176 6.30 -3.80 11.99
N TYR A 177 6.81 -3.15 10.93
CA TYR A 177 7.91 -3.73 10.13
C TYR A 177 9.14 -4.02 10.99
N ALA A 178 9.50 -3.10 11.86
CA ALA A 178 10.67 -3.24 12.71
C ALA A 178 10.55 -4.41 13.67
N LYS A 179 9.40 -4.54 14.34
CA LYS A 179 9.19 -5.64 15.30
C LYS A 179 9.20 -7.00 14.61
N GLU A 180 8.61 -7.07 13.42
CA GLU A 180 8.51 -8.32 12.67
C GLU A 180 9.80 -8.77 12.00
N ASN A 181 10.72 -7.84 11.77
CA ASN A 181 11.96 -8.15 11.07
C ASN A 181 13.23 -7.89 11.89
N ASN A 182 13.06 -7.71 13.19
CA ASN A 182 14.17 -7.47 14.12
C ASN A 182 15.16 -6.41 13.64
N ILE A 183 14.65 -5.22 13.30
CA ILE A 183 15.46 -4.10 12.81
C ILE A 183 15.64 -3.12 13.94
N ASP A 184 16.88 -2.68 14.19
CA ASP A 184 17.15 -1.73 15.26
C ASP A 184 16.67 -0.36 14.82
N PHE A 185 15.53 0.05 15.34
CA PHE A 185 14.81 1.22 14.85
C PHE A 185 14.44 2.13 16.03
N ILE A 186 14.72 3.42 15.87
CA ILE A 186 14.47 4.43 16.89
C ILE A 186 13.67 5.51 16.17
N THR A 187 12.70 6.14 16.86
CA THR A 187 12.06 7.35 16.34
C THR A 187 12.24 8.48 17.32
N ILE A 188 12.34 9.70 16.79
CA ILE A 188 12.47 10.90 17.57
C ILE A 188 11.27 11.76 17.24
N ILE A 189 10.60 12.25 18.27
CA ILE A 189 9.39 12.99 18.10
C ILE A 189 9.68 14.44 18.49
N PRO A 190 9.97 15.30 17.50
CA PRO A 190 10.14 16.69 17.87
C PRO A 190 8.81 17.43 17.93
N THR A 191 8.78 18.49 18.71
CA THR A 191 7.66 19.38 18.73
C THR A 191 7.98 20.44 17.69
N LEU A 192 7.63 21.69 17.94
CA LEU A 192 7.86 22.71 16.91
C LEU A 192 9.34 23.15 16.93
N VAL A 193 10.00 22.92 15.81
CA VAL A 193 11.44 23.17 15.72
C VAL A 193 11.70 24.59 15.22
N VAL A 194 12.43 25.34 16.05
CA VAL A 194 12.67 26.77 15.86
C VAL A 194 14.17 26.99 16.06
N GLY A 195 14.75 27.89 15.27
CA GLY A 195 16.15 28.26 15.43
C GLY A 195 16.75 28.82 14.16
N PRO A 196 18.05 29.15 14.20
CA PRO A 196 18.69 29.59 12.97
C PRO A 196 18.84 28.39 12.04
N PHE A 197 19.16 28.64 10.78
CA PHE A 197 19.21 27.59 9.78
C PHE A 197 20.12 28.00 8.65
N ILE A 198 20.48 27.05 7.79
CA ILE A 198 21.45 27.30 6.72
C ILE A 198 20.84 27.32 5.31
N MET A 199 19.62 26.82 5.16
CA MET A 199 18.92 26.79 3.88
C MET A 199 18.51 28.21 3.48
N SER A 200 18.18 28.42 2.20
CA SER A 200 17.94 29.77 1.68
C SER A 200 16.48 30.20 1.60
N SER A 201 15.57 29.25 1.80
CA SER A 201 14.13 29.54 1.78
C SER A 201 13.49 29.38 3.17
N MET A 202 12.23 29.77 3.30
CA MET A 202 11.54 29.75 4.59
C MET A 202 11.28 28.33 5.04
N PRO A 203 11.83 27.93 6.21
CA PRO A 203 11.52 26.63 6.79
C PRO A 203 10.03 26.55 7.16
N PRO A 204 9.34 25.48 6.77
CA PRO A 204 7.92 25.27 7.03
C PRO A 204 7.48 25.51 8.48
N SER A 205 8.25 25.00 9.44
CA SER A 205 7.93 25.18 10.85
C SER A 205 7.95 26.65 11.27
N LEU A 206 8.77 27.46 10.62
CA LEU A 206 8.90 28.88 10.97
C LEU A 206 7.73 29.70 10.43
N ILE A 207 7.03 29.17 9.44
CA ILE A 207 5.75 29.73 9.00
C ILE A 207 4.80 29.66 10.17
N THR A 208 4.82 28.53 10.90
CA THR A 208 4.02 28.36 12.12
C THR A 208 4.58 29.17 13.28
N ALA A 209 5.89 29.04 13.54
CA ALA A 209 6.49 29.62 14.74
C ALA A 209 6.41 31.14 14.73
N LEU A 210 6.50 31.71 13.51
CA LEU A 210 6.55 33.17 13.45
C LEU A 210 5.19 33.76 12.98
N SER A 211 4.15 32.94 13.03
CA SER A 211 2.82 33.36 12.63
C SER A 211 2.39 34.62 13.37
N PRO A 212 2.69 34.68 14.66
CA PRO A 212 2.33 35.83 15.49
C PRO A 212 2.89 37.13 14.92
N ILE A 213 3.99 37.02 14.16
CA ILE A 213 4.61 38.20 13.55
C ILE A 213 4.05 38.46 12.16
N THR A 214 3.88 37.39 11.39
CA THR A 214 3.35 37.50 10.02
C THR A 214 1.82 37.60 9.98
N GLY A 215 1.15 37.32 11.10
CA GLY A 215 -0.31 37.33 11.16
C GLY A 215 -0.99 36.15 10.50
N ASN A 216 -0.24 35.07 10.27
CA ASN A 216 -0.78 33.88 9.59
C ASN A 216 -1.67 33.05 10.54
N GLU A 217 -2.90 33.52 10.72
CA GLU A 217 -3.85 32.97 11.70
C GLU A 217 -4.16 31.49 11.58
N ALA A 218 -4.12 30.96 10.36
CA ALA A 218 -4.36 29.53 10.12
C ALA A 218 -3.38 28.61 10.88
N HIS A 219 -2.22 29.14 11.26
CA HIS A 219 -1.22 28.33 11.92
C HIS A 219 -1.29 28.45 13.43
N TYR A 220 -2.17 29.33 13.91
CA TYR A 220 -2.35 29.55 15.34
C TYR A 220 -2.74 28.30 16.10
N SER A 221 -3.50 27.42 15.45
CA SER A 221 -4.03 26.23 16.08
C SER A 221 -2.94 25.26 16.58
N ILE A 222 -1.77 25.30 15.94
CA ILE A 222 -0.63 24.46 16.33
C ILE A 222 0.14 25.05 17.50
N ILE A 223 0.21 26.37 17.57
CA ILE A 223 0.91 27.07 18.65
C ILE A 223 0.01 27.55 19.81
N ARG A 224 -1.31 27.33 19.68
CA ARG A 224 -2.28 27.74 20.71
C ARG A 224 -1.88 27.19 22.08
N GLN A 225 -1.66 25.89 22.15
CA GLN A 225 -0.95 25.30 23.29
C GLN A 225 0.28 24.66 22.71
N GLY A 226 1.35 25.45 22.63
CA GLY A 226 2.53 25.09 21.86
C GLY A 226 3.63 24.44 22.67
N GLN A 227 4.42 23.59 22.00
CA GLN A 227 5.67 23.07 22.54
C GLN A 227 6.74 23.28 21.47
N PHE A 228 7.97 23.57 21.92
CA PHE A 228 9.04 24.00 21.04
C PHE A 228 10.36 23.30 21.38
N VAL A 229 11.23 23.13 20.39
CA VAL A 229 12.59 22.67 20.60
C VAL A 229 13.57 23.39 19.64
N HIS A 230 14.78 23.69 20.12
CA HIS A 230 15.81 24.34 19.29
C HIS A 230 16.35 23.36 18.27
N LEU A 231 16.46 23.80 17.01
CA LEU A 231 17.05 23.03 15.91
C LEU A 231 18.33 22.27 16.26
N ASP A 232 19.24 22.96 16.96
CA ASP A 232 20.55 22.41 17.29
C ASP A 232 20.47 21.34 18.42
N ASP A 233 19.59 21.55 19.40
CA ASP A 233 19.27 20.49 20.40
C ASP A 233 18.68 19.25 19.76
N LEU A 234 17.73 19.46 18.87
CA LEU A 234 17.13 18.35 18.11
C LEU A 234 18.16 17.56 17.29
N CYS A 235 19.03 18.25 16.55
CA CYS A 235 20.03 17.54 15.74
C CYS A 235 21.04 16.81 16.61
N ASN A 236 21.45 17.41 17.73
CA ASN A 236 22.28 16.70 18.70
C ASN A 236 21.60 15.48 19.32
N ALA A 237 20.29 15.59 19.56
CA ALA A 237 19.51 14.43 20.00
C ALA A 237 19.47 13.30 18.97
N HIS A 238 19.41 13.63 17.68
CA HIS A 238 19.49 12.62 16.61
C HIS A 238 20.81 11.83 16.67
N ILE A 239 21.92 12.57 16.74
CA ILE A 239 23.26 11.97 16.80
C ILE A 239 23.42 11.16 18.08
N TYR A 240 22.99 11.74 19.21
CA TYR A 240 22.98 11.07 20.52
C TYR A 240 22.27 9.72 20.52
N LEU A 241 21.07 9.67 19.95
CA LEU A 241 20.30 8.43 19.96
C LEU A 241 20.81 7.42 18.96
N PHE A 242 21.48 7.90 17.92
CA PHE A 242 22.09 6.98 16.95
C PHE A 242 23.27 6.29 17.58
N GLU A 243 24.06 7.06 18.31
CA GLU A 243 25.30 6.59 18.96
C GLU A 243 25.09 5.84 20.28
N ASN A 244 24.04 6.19 21.03
CA ASN A 244 23.75 5.55 22.33
C ASN A 244 23.16 4.16 22.20
N PRO A 245 23.93 3.12 22.60
CA PRO A 245 23.51 1.73 22.41
C PRO A 245 22.32 1.35 23.30
N LYS A 246 22.11 2.10 24.37
CA LYS A 246 21.04 1.81 25.32
C LYS A 246 19.68 2.30 24.81
N ALA A 247 19.68 3.09 23.73
CA ALA A 247 18.46 3.72 23.21
C ALA A 247 17.51 2.70 22.57
N GLU A 248 16.23 2.80 22.92
CA GLU A 248 15.20 1.94 22.32
C GLU A 248 13.83 2.63 22.28
N GLY A 249 13.10 2.39 21.19
CA GLY A 249 11.73 2.88 21.05
C GLY A 249 11.62 4.34 20.61
N ARG A 250 10.55 5.00 21.06
CA ARG A 250 10.26 6.38 20.71
C ARG A 250 10.89 7.32 21.73
N TYR A 251 11.23 8.51 21.27
CA TYR A 251 11.77 9.55 22.13
C TYR A 251 11.17 10.90 21.79
N ILE A 252 10.52 11.50 22.75
CA ILE A 252 10.08 12.87 22.63
C ILE A 252 11.29 13.80 22.81
N CYS A 253 11.38 14.81 21.95
CA CYS A 253 12.42 15.80 22.03
C CYS A 253 11.79 17.18 21.99
N SER A 254 11.61 17.73 23.19
CA SER A 254 10.89 18.97 23.40
C SER A 254 11.44 19.63 24.66
N SER A 255 11.75 20.92 24.60
CA SER A 255 12.40 21.60 25.72
C SER A 255 11.54 22.65 26.43
N HIS A 256 10.56 23.22 25.73
CA HIS A 256 9.70 24.27 26.28
C HIS A 256 8.25 24.11 25.86
N ASP A 257 7.34 24.56 26.71
CA ASP A 257 5.91 24.68 26.39
C ASP A 257 5.29 25.96 26.93
N CYS A 258 4.45 26.60 26.13
CA CYS A 258 3.67 27.72 26.59
C CYS A 258 2.52 27.99 25.63
N ILE A 259 1.50 28.71 26.10
CA ILE A 259 0.35 29.02 25.27
C ILE A 259 0.68 30.22 24.39
N ILE A 260 -0.08 30.37 23.31
CA ILE A 260 0.17 31.42 22.31
C ILE A 260 0.35 32.81 22.93
N LEU A 261 -0.37 33.05 24.03
CA LEU A 261 -0.35 34.32 24.75
C LEU A 261 1.04 34.65 25.34
N ASP A 262 1.69 33.64 25.92
CA ASP A 262 3.03 33.76 26.51
C ASP A 262 4.10 33.92 25.43
N LEU A 263 3.91 33.20 24.32
CA LEU A 263 4.79 33.31 23.16
C LEU A 263 4.75 34.70 22.51
N ALA A 264 3.53 35.20 22.26
CA ALA A 264 3.32 36.52 21.66
C ALA A 264 3.86 37.63 22.54
N LYS A 265 3.78 37.42 23.85
CA LYS A 265 4.32 38.34 24.84
C LYS A 265 5.85 38.42 24.67
N MET A 266 6.51 37.27 24.73
CA MET A 266 7.95 37.17 24.54
C MET A 266 8.42 37.91 23.28
N LEU A 267 7.67 37.77 22.20
CA LEU A 267 8.01 38.37 20.93
C LEU A 267 7.81 39.88 20.89
N ARG A 268 6.72 40.38 21.45
CA ARG A 268 6.50 41.84 21.55
C ARG A 268 7.65 42.51 22.29
N GLU A 269 8.09 41.88 23.38
CA GLU A 269 9.17 42.38 24.23
C GLU A 269 10.53 42.34 23.53
N LYS A 270 10.75 41.32 22.70
CA LYS A 270 12.00 41.20 21.95
C LYS A 270 11.97 41.94 20.61
N TYR A 271 10.78 42.08 20.03
CA TYR A 271 10.62 42.70 18.71
C TYR A 271 9.47 43.72 18.66
N PRO A 272 9.70 44.93 19.22
CA PRO A 272 8.69 45.99 19.25
C PRO A 272 8.35 46.52 17.86
N GLU A 273 9.28 46.33 16.92
CA GLU A 273 9.11 46.81 15.54
C GLU A 273 8.06 46.07 14.72
N TYR A 274 7.66 44.88 15.18
CA TYR A 274 6.64 44.10 14.49
C TYR A 274 5.26 44.29 15.13
N ASN A 275 4.22 44.08 14.33
CA ASN A 275 2.85 44.18 14.82
C ASN A 275 2.34 42.84 15.34
N ILE A 276 2.64 42.57 16.61
CA ILE A 276 2.29 41.31 17.26
C ILE A 276 1.07 41.52 18.16
N PRO A 277 -0.04 40.81 17.85
CA PRO A 277 -1.30 40.91 18.60
C PRO A 277 -1.12 40.76 20.10
N THR A 278 -2.06 41.33 20.86
CA THR A 278 -2.08 41.22 22.32
C THR A 278 -3.18 40.27 22.78
N GLU A 279 -4.14 40.02 21.88
CA GLU A 279 -5.25 39.12 22.18
C GLU A 279 -5.49 38.16 21.02
N PHE A 280 -5.83 36.92 21.36
CA PHE A 280 -6.15 35.89 20.37
C PHE A 280 -7.51 35.27 20.68
N LYS A 281 -8.35 35.20 19.65
CA LYS A 281 -9.70 34.65 19.76
C LYS A 281 -9.72 33.21 20.26
N GLY A 282 -10.53 32.96 21.29
CA GLY A 282 -10.67 31.62 21.88
C GLY A 282 -9.56 31.26 22.86
N VAL A 283 -8.79 32.25 23.29
CA VAL A 283 -7.64 32.02 24.17
C VAL A 283 -7.64 33.00 25.35
N ASP A 284 -7.53 32.45 26.56
CA ASP A 284 -7.56 33.20 27.82
C ASP A 284 -6.32 32.86 28.65
N GLU A 285 -5.96 33.71 29.60
CA GLU A 285 -4.84 33.44 30.53
C GLU A 285 -4.97 32.12 31.31
N ASN A 286 -6.20 31.62 31.42
CA ASN A 286 -6.49 30.38 32.16
C ASN A 286 -6.29 29.12 31.35
N LEU A 287 -6.04 29.27 30.05
CA LEU A 287 -5.74 28.14 29.17
C LEU A 287 -4.51 27.43 29.67
N LYS A 288 -4.69 26.15 29.94
CA LYS A 288 -3.66 25.24 30.38
C LYS A 288 -2.55 25.12 29.32
N SER A 289 -1.30 25.19 29.77
CA SER A 289 -0.16 24.89 28.93
C SER A 289 -0.12 23.37 28.83
N VAL A 290 0.20 22.86 27.65
CA VAL A 290 0.32 21.42 27.44
C VAL A 290 1.80 21.06 27.21
N CYS A 291 2.29 20.11 27.98
CA CYS A 291 3.69 19.78 28.00
C CYS A 291 3.95 18.48 27.29
N PHE A 292 5.07 18.42 26.57
CA PHE A 292 5.58 17.16 26.03
C PHE A 292 6.79 16.81 26.88
N SER A 293 6.76 15.62 27.46
CA SER A 293 7.80 15.25 28.41
C SER A 293 8.96 14.58 27.72
N SER A 294 10.15 15.17 27.85
CA SER A 294 11.38 14.57 27.28
C SER A 294 12.17 13.70 28.28
N LYS A 295 11.49 13.19 29.31
CA LYS A 295 12.16 12.52 30.43
C LYS A 295 12.89 11.25 30.00
N LYS A 296 12.28 10.46 29.11
CA LYS A 296 12.93 9.31 28.53
C LYS A 296 14.28 9.69 27.91
N LEU A 297 14.34 10.83 27.22
CA LEU A 297 15.58 11.28 26.57
C LEU A 297 16.63 11.76 27.58
N THR A 298 16.21 12.62 28.49
CA THR A 298 17.10 13.17 29.53
C THR A 298 17.59 12.09 30.49
N ASP A 299 16.73 11.10 30.79
CA ASP A 299 17.14 9.93 31.59
C ASP A 299 18.34 9.18 31.00
N LEU A 300 18.51 9.23 29.68
CA LEU A 300 19.63 8.58 29.01
C LEU A 300 20.93 9.33 29.27
N GLY A 301 20.85 10.65 29.43
CA GLY A 301 22.02 11.48 29.70
C GLY A 301 22.08 12.72 28.82
N PHE A 302 21.09 12.88 27.95
CA PHE A 302 21.03 14.01 27.02
C PHE A 302 20.67 15.32 27.73
N GLU A 303 21.33 16.41 27.36
CA GLU A 303 21.05 17.73 27.91
C GLU A 303 20.63 18.72 26.82
N PHE A 304 19.49 19.37 27.01
CA PHE A 304 19.10 20.51 26.18
C PHE A 304 19.96 21.69 26.58
N LYS A 305 20.34 22.52 25.61
CA LYS A 305 21.27 23.63 25.86
C LYS A 305 20.66 25.00 25.59
N TYR A 306 19.51 25.04 24.94
CA TYR A 306 18.97 26.31 24.44
C TYR A 306 17.63 26.66 25.03
N SER A 307 17.40 27.97 25.16
CA SER A 307 16.16 28.50 25.72
C SER A 307 15.20 28.91 24.63
N LEU A 308 13.95 29.16 25.02
CA LEU A 308 12.92 29.62 24.08
C LEU A 308 13.30 30.92 23.40
N GLU A 309 13.93 31.82 24.15
CA GLU A 309 14.41 33.09 23.61
C GLU A 309 15.52 32.86 22.58
N ASP A 310 16.41 31.89 22.87
CA ASP A 310 17.46 31.52 21.94
C ASP A 310 16.91 31.10 20.58
N MET A 311 15.93 30.19 20.61
CA MET A 311 15.27 29.66 19.40
C MET A 311 14.74 30.76 18.51
N PHE A 312 13.93 31.63 19.10
CA PHE A 312 13.19 32.63 18.35
C PHE A 312 14.03 33.78 17.83
N THR A 313 15.03 34.20 18.61
N THR A 313 15.02 34.21 18.61
CA THR A 313 15.97 35.21 18.15
CA THR A 313 15.95 35.23 18.13
C THR A 313 16.83 34.67 17.01
C THR A 313 16.80 34.67 16.99
N GLY A 314 17.26 33.42 17.13
CA GLY A 314 17.98 32.76 16.06
C GLY A 314 17.15 32.73 14.79
N ALA A 315 15.87 32.39 14.93
CA ALA A 315 14.96 32.21 13.78
C ALA A 315 14.66 33.54 13.10
N VAL A 316 14.33 34.55 13.90
CA VAL A 316 14.01 35.88 13.35
C VAL A 316 15.24 36.53 12.74
N ASP A 317 16.38 36.43 13.44
CA ASP A 317 17.62 37.02 12.93
C ASP A 317 18.05 36.43 11.58
N THR A 318 17.99 35.10 11.48
CA THR A 318 18.28 34.42 10.22
C THR A 318 17.29 34.82 9.13
N CYS A 319 15.99 34.86 9.44
CA CYS A 319 14.98 35.24 8.46
C CYS A 319 15.25 36.65 7.91
N ARG A 320 15.60 37.57 8.80
CA ARG A 320 15.97 38.94 8.43
C ARG A 320 17.20 38.94 7.52
N ALA A 321 18.29 38.34 7.98
CA ALA A 321 19.53 38.18 7.22
C ALA A 321 19.31 37.72 5.79
N LYS A 322 18.41 36.74 5.64
CA LYS A 322 18.11 36.16 4.34
C LYS A 322 16.98 36.86 3.56
N GLY A 323 16.43 37.93 4.12
CA GLY A 323 15.35 38.69 3.47
C GLY A 323 14.02 37.96 3.42
N LEU A 324 13.82 37.04 4.36
CA LEU A 324 12.57 36.25 4.42
C LEU A 324 11.54 36.86 5.37
N LEU A 325 11.96 37.74 6.23
CA LEU A 325 11.12 38.63 7.05
C LEU A 325 11.52 40.07 6.78
N PRO A 326 10.55 41.00 6.72
CA PRO A 326 10.91 42.42 6.69
C PRO A 326 11.63 42.87 7.98
N PRO A 327 12.47 43.93 7.90
CA PRO A 327 13.18 44.45 9.07
C PRO A 327 12.25 44.94 10.17
N SER A 328 11.06 45.38 9.76
CA SER A 328 10.06 45.93 10.66
C SER A 328 8.72 46.02 9.96
N HIS A 329 7.67 46.36 10.72
CA HIS A 329 6.34 46.59 10.15
C HIS A 329 6.00 48.08 10.13
N SER B 5 -6.82 -39.87 2.88
CA SER B 5 -7.55 -38.60 2.60
C SER B 5 -6.77 -37.39 3.09
N GLU B 6 -6.29 -36.55 2.19
CA GLU B 6 -5.53 -35.40 2.67
C GLU B 6 -6.39 -34.14 2.75
N THR B 7 -5.90 -33.17 3.52
CA THR B 7 -6.61 -31.94 3.83
C THR B 7 -6.06 -30.77 3.05
N VAL B 8 -6.95 -30.03 2.39
CA VAL B 8 -6.59 -28.86 1.61
C VAL B 8 -7.48 -27.68 1.94
N CYS B 9 -6.95 -26.49 1.77
CA CYS B 9 -7.68 -25.29 2.07
C CYS B 9 -8.05 -24.62 0.75
N VAL B 10 -9.32 -24.24 0.58
CA VAL B 10 -9.77 -23.48 -0.59
C VAL B 10 -10.28 -22.14 -0.12
N THR B 11 -9.62 -21.05 -0.50
CA THR B 11 -10.11 -19.72 -0.14
C THR B 11 -11.17 -19.24 -1.15
N GLY B 12 -12.03 -18.29 -0.76
CA GLY B 12 -13.13 -17.83 -1.62
C GLY B 12 -14.03 -18.98 -2.09
N ALA B 13 -14.26 -19.92 -1.19
CA ALA B 13 -15.08 -21.11 -1.44
C ALA B 13 -16.58 -20.85 -1.74
N SER B 14 -17.08 -19.64 -1.48
CA SER B 14 -18.48 -19.35 -1.79
C SER B 14 -18.69 -18.91 -3.25
N GLY B 15 -17.60 -18.54 -3.94
CA GLY B 15 -17.67 -17.93 -5.27
C GLY B 15 -17.83 -18.93 -6.41
N PHE B 16 -17.85 -18.41 -7.63
CA PHE B 16 -18.12 -19.18 -8.85
C PHE B 16 -17.17 -20.36 -8.99
N ILE B 17 -15.87 -20.10 -9.02
CA ILE B 17 -14.87 -21.14 -9.21
C ILE B 17 -14.62 -21.90 -7.90
N GLY B 18 -14.51 -21.15 -6.81
CA GLY B 18 -14.25 -21.74 -5.50
C GLY B 18 -15.25 -22.81 -5.09
N SER B 19 -16.53 -22.53 -5.21
CA SER B 19 -17.56 -23.54 -4.84
C SER B 19 -17.46 -24.81 -5.69
N TRP B 20 -17.23 -24.67 -7.00
CA TRP B 20 -17.13 -25.82 -7.93
C TRP B 20 -15.91 -26.68 -7.60
N LEU B 21 -14.85 -26.00 -7.18
CA LEU B 21 -13.59 -26.63 -6.82
C LEU B 21 -13.78 -27.42 -5.53
N VAL B 22 -14.47 -26.84 -4.56
CA VAL B 22 -14.77 -27.58 -3.34
C VAL B 22 -15.55 -28.86 -3.64
N MET B 23 -16.54 -28.74 -4.50
CA MET B 23 -17.35 -29.90 -4.90
C MET B 23 -16.48 -31.00 -5.51
N ARG B 24 -15.66 -30.65 -6.49
CA ARG B 24 -14.77 -31.63 -7.14
C ARG B 24 -13.74 -32.21 -6.19
N LEU B 25 -13.22 -31.38 -5.29
CA LEU B 25 -12.30 -31.84 -4.24
C LEU B 25 -12.95 -32.83 -3.28
N LEU B 26 -14.16 -32.52 -2.83
CA LEU B 26 -14.92 -33.44 -1.98
C LEU B 26 -15.22 -34.76 -2.68
N GLU B 27 -15.56 -34.71 -3.95
N GLU B 27 -15.59 -34.68 -3.95
CA GLU B 27 -15.85 -35.93 -4.72
CA GLU B 27 -15.86 -35.85 -4.79
C GLU B 27 -14.60 -36.75 -4.97
C GLU B 27 -14.62 -36.73 -4.95
N ARG B 28 -13.45 -36.09 -4.99
CA ARG B 28 -12.16 -36.78 -5.18
C ARG B 28 -11.61 -37.44 -3.89
N GLY B 29 -12.28 -37.21 -2.77
CA GLY B 29 -11.91 -37.86 -1.51
C GLY B 29 -11.10 -36.99 -0.57
N TYR B 30 -10.97 -35.70 -0.90
CA TYR B 30 -10.24 -34.76 -0.08
C TYR B 30 -11.04 -34.28 1.11
N THR B 31 -10.32 -33.85 2.14
CA THR B 31 -10.91 -33.15 3.26
C THR B 31 -10.64 -31.69 3.00
N VAL B 32 -11.69 -30.88 3.02
CA VAL B 32 -11.64 -29.52 2.54
C VAL B 32 -11.94 -28.55 3.67
N ARG B 33 -11.03 -27.60 3.86
CA ARG B 33 -11.30 -26.46 4.68
C ARG B 33 -11.60 -25.31 3.74
N ALA B 34 -12.81 -24.76 3.83
CA ALA B 34 -13.29 -23.74 2.91
C ALA B 34 -13.41 -22.41 3.65
N THR B 35 -12.80 -21.36 3.11
CA THR B 35 -12.83 -20.11 3.82
C THR B 35 -13.82 -19.15 3.16
N VAL B 36 -14.41 -18.28 3.99
CA VAL B 36 -15.45 -17.37 3.57
C VAL B 36 -15.35 -16.15 4.47
N ARG B 37 -15.77 -14.99 3.96
CA ARG B 37 -15.75 -13.77 4.75
C ARG B 37 -16.86 -13.73 5.78
N ASP B 38 -18.01 -14.29 5.44
CA ASP B 38 -19.18 -14.26 6.32
C ASP B 38 -19.92 -15.60 6.35
N PRO B 39 -19.69 -16.42 7.39
CA PRO B 39 -20.32 -17.74 7.50
C PRO B 39 -21.81 -17.72 7.90
N THR B 40 -22.31 -16.56 8.29
CA THR B 40 -23.75 -16.41 8.62
C THR B 40 -24.59 -16.15 7.38
N ASN B 41 -23.93 -15.89 6.25
CA ASN B 41 -24.61 -15.65 4.97
C ASN B 41 -25.15 -16.95 4.40
N VAL B 42 -26.46 -17.12 4.50
CA VAL B 42 -27.14 -18.36 4.12
C VAL B 42 -27.06 -18.63 2.61
N LYS B 43 -27.09 -17.56 1.81
CA LYS B 43 -26.95 -17.65 0.36
C LYS B 43 -25.52 -18.02 -0.11
N LYS B 44 -24.53 -17.79 0.76
CA LYS B 44 -23.14 -18.08 0.43
C LYS B 44 -22.64 -19.43 0.94
N VAL B 45 -23.36 -20.04 1.90
CA VAL B 45 -22.88 -21.27 2.55
C VAL B 45 -23.81 -22.47 2.38
N LYS B 46 -25.10 -22.22 2.13
CA LYS B 46 -26.03 -23.33 1.99
C LYS B 46 -25.61 -24.23 0.85
N HIS B 47 -25.11 -23.63 -0.24
CA HIS B 47 -24.69 -24.44 -1.40
C HIS B 47 -23.45 -25.30 -1.16
N LEU B 48 -22.59 -24.87 -0.24
CA LEU B 48 -21.44 -25.66 0.20
C LEU B 48 -21.86 -26.79 1.13
N LEU B 49 -22.76 -26.48 2.06
CA LEU B 49 -23.18 -27.46 3.04
C LEU B 49 -24.06 -28.57 2.45
N ASP B 50 -24.70 -28.29 1.31
CA ASP B 50 -25.51 -29.27 0.58
C ASP B 50 -24.67 -30.21 -0.27
N LEU B 51 -23.37 -29.94 -0.38
CA LEU B 51 -22.49 -30.78 -1.20
C LEU B 51 -22.38 -32.18 -0.62
N PRO B 52 -22.34 -33.20 -1.50
CA PRO B 52 -22.15 -34.55 -0.99
C PRO B 52 -20.79 -34.65 -0.27
N LYS B 53 -20.85 -35.13 0.98
CA LYS B 53 -19.70 -35.34 1.87
C LYS B 53 -19.34 -34.13 2.75
N ALA B 54 -20.15 -33.08 2.67
CA ALA B 54 -19.90 -31.86 3.42
C ALA B 54 -19.98 -32.05 4.93
N GLU B 55 -20.93 -32.84 5.42
CA GLU B 55 -21.07 -32.95 6.87
C GLU B 55 -19.85 -33.61 7.51
N THR B 56 -19.25 -34.58 6.83
CA THR B 56 -18.06 -35.27 7.33
C THR B 56 -16.71 -34.68 6.86
N HIS B 57 -16.67 -34.08 5.66
CA HIS B 57 -15.39 -33.73 5.02
C HIS B 57 -15.16 -32.24 4.72
N LEU B 58 -16.13 -31.39 5.08
CA LEU B 58 -16.01 -29.95 4.89
C LEU B 58 -16.09 -29.18 6.19
N THR B 59 -15.21 -28.21 6.37
CA THR B 59 -15.33 -27.22 7.44
C THR B 59 -15.27 -25.83 6.87
N LEU B 60 -15.86 -24.88 7.58
CA LEU B 60 -15.84 -23.48 7.18
C LEU B 60 -14.97 -22.66 8.13
N TRP B 61 -14.28 -21.68 7.54
CA TRP B 61 -13.35 -20.84 8.27
C TRP B 61 -13.58 -19.43 7.83
N LYS B 62 -13.67 -18.56 8.82
CA LYS B 62 -13.86 -17.14 8.57
C LYS B 62 -12.50 -16.47 8.35
N ALA B 63 -12.35 -15.83 7.20
CA ALA B 63 -11.11 -15.13 6.87
C ALA B 63 -11.38 -14.06 5.84
N ASP B 64 -10.57 -12.99 5.91
CA ASP B 64 -10.64 -11.85 4.98
C ASP B 64 -9.21 -11.45 4.58
N LEU B 65 -9.01 -11.10 3.31
CA LEU B 65 -7.68 -10.73 2.76
C LEU B 65 -7.15 -9.42 3.35
N ALA B 66 -8.06 -8.55 3.75
CA ALA B 66 -7.77 -7.30 4.48
C ALA B 66 -7.25 -7.52 5.90
N ASP B 67 -7.51 -8.68 6.50
CA ASP B 67 -7.08 -9.00 7.87
C ASP B 67 -5.76 -9.77 7.87
N GLU B 68 -4.70 -9.14 8.40
CA GLU B 68 -3.40 -9.78 8.53
C GLU B 68 -3.49 -11.06 9.38
N GLY B 69 -3.00 -12.17 8.81
CA GLY B 69 -2.95 -13.45 9.50
C GLY B 69 -4.24 -14.23 9.64
N SER B 70 -5.33 -13.74 9.03
CA SER B 70 -6.64 -14.40 9.17
C SER B 70 -6.78 -15.79 8.53
N PHE B 71 -5.86 -16.16 7.63
CA PHE B 71 -5.87 -17.49 7.01
C PHE B 71 -4.97 -18.52 7.69
N ASP B 72 -4.26 -18.08 8.72
N ASP B 72 -4.24 -18.10 8.71
CA ASP B 72 -3.26 -18.90 9.39
CA ASP B 72 -3.25 -18.99 9.31
C ASP B 72 -3.84 -20.20 9.94
C ASP B 72 -3.88 -20.24 9.90
N GLU B 73 -4.94 -20.08 10.69
CA GLU B 73 -5.63 -21.24 11.33
C GLU B 73 -6.15 -22.27 10.33
N ALA B 74 -6.79 -21.78 9.27
CA ALA B 74 -7.27 -22.63 8.18
C ALA B 74 -6.13 -23.37 7.49
N ILE B 75 -4.98 -22.71 7.32
CA ILE B 75 -3.84 -23.30 6.58
C ILE B 75 -3.02 -24.33 7.40
N LYS B 76 -2.83 -24.07 8.68
CA LYS B 76 -2.07 -25.00 9.54
C LYS B 76 -2.66 -26.40 9.46
N GLY B 77 -1.82 -27.36 9.10
CA GLY B 77 -2.27 -28.75 8.98
C GLY B 77 -2.63 -29.26 7.59
N CYS B 78 -2.86 -28.34 6.65
CA CYS B 78 -3.17 -28.70 5.26
C CYS B 78 -1.96 -29.19 4.47
N THR B 79 -2.20 -30.10 3.52
CA THR B 79 -1.19 -30.56 2.55
C THR B 79 -1.11 -29.68 1.28
N GLY B 80 -2.08 -28.78 1.12
CA GLY B 80 -2.13 -27.90 -0.04
C GLY B 80 -3.13 -26.79 0.14
N VAL B 81 -2.91 -25.67 -0.57
CA VAL B 81 -3.75 -24.49 -0.46
C VAL B 81 -4.08 -23.99 -1.86
N PHE B 82 -5.38 -23.83 -2.16
CA PHE B 82 -5.83 -23.18 -3.38
C PHE B 82 -6.33 -21.79 -3.04
N HIS B 83 -5.60 -20.78 -3.44
CA HIS B 83 -5.98 -19.40 -3.16
C HIS B 83 -6.78 -18.82 -4.34
N VAL B 84 -8.10 -18.79 -4.18
CA VAL B 84 -9.05 -18.46 -5.25
C VAL B 84 -9.71 -17.12 -4.96
N ALA B 85 -9.77 -16.71 -3.69
CA ALA B 85 -10.45 -15.47 -3.28
C ALA B 85 -9.80 -14.25 -3.85
N THR B 86 -10.62 -13.24 -4.16
CA THR B 86 -10.12 -11.95 -4.63
C THR B 86 -11.24 -10.90 -4.58
N PRO B 87 -10.90 -9.64 -4.22
CA PRO B 87 -11.87 -8.56 -4.37
C PRO B 87 -12.27 -8.37 -5.85
N MET B 88 -13.57 -8.37 -6.13
CA MET B 88 -14.06 -8.40 -7.51
C MET B 88 -14.81 -7.15 -7.98
N ASP B 89 -14.72 -6.06 -7.23
CA ASP B 89 -15.42 -4.84 -7.60
C ASP B 89 -14.71 -4.02 -8.71
N PHE B 90 -15.40 -3.85 -9.84
CA PHE B 90 -14.87 -3.10 -10.98
C PHE B 90 -15.14 -1.61 -10.87
N GLU B 91 -16.12 -1.23 -10.05
CA GLU B 91 -16.56 0.16 -9.96
C GLU B 91 -16.24 0.83 -8.62
N SER B 92 -15.14 0.41 -8.00
CA SER B 92 -14.74 0.96 -6.69
C SER B 92 -14.24 2.41 -6.79
N LYS B 93 -14.65 3.23 -5.83
CA LYS B 93 -14.28 4.65 -5.79
C LYS B 93 -12.90 4.86 -5.16
N ASP B 94 -12.42 3.85 -4.44
CA ASP B 94 -11.07 3.86 -3.90
C ASP B 94 -10.34 2.57 -4.28
N PRO B 95 -9.93 2.44 -5.56
CA PRO B 95 -9.30 1.21 -6.08
C PRO B 95 -7.99 0.81 -5.41
N GLU B 96 -7.20 1.75 -4.92
CA GLU B 96 -5.91 1.44 -4.33
C GLU B 96 -6.03 0.69 -3.01
N ASN B 97 -6.98 1.12 -2.17
CA ASN B 97 -7.16 0.54 -0.84
C ASN B 97 -8.17 -0.60 -0.79
N GLU B 98 -9.25 -0.49 -1.57
CA GLU B 98 -10.35 -1.46 -1.51
C GLU B 98 -10.12 -2.71 -2.38
N VAL B 99 -9.22 -2.60 -3.36
CA VAL B 99 -8.96 -3.69 -4.32
C VAL B 99 -7.49 -4.06 -4.41
N ILE B 100 -6.65 -3.13 -4.87
CA ILE B 100 -5.26 -3.44 -5.21
C ILE B 100 -4.46 -3.91 -3.99
N LYS B 101 -4.52 -3.12 -2.91
CA LYS B 101 -3.78 -3.39 -1.67
C LYS B 101 -4.10 -4.73 -0.99
N PRO B 102 -5.39 -4.99 -0.67
CA PRO B 102 -5.72 -6.30 -0.04
C PRO B 102 -5.43 -7.52 -0.91
N THR B 103 -5.48 -7.36 -2.25
CA THR B 103 -5.15 -8.45 -3.17
C THR B 103 -3.69 -8.86 -3.02
N ILE B 104 -2.80 -7.87 -2.97
CA ILE B 104 -1.36 -8.12 -2.81
C ILE B 104 -0.98 -8.58 -1.40
N GLU B 105 -1.47 -7.87 -0.39
CA GLU B 105 -1.13 -8.20 0.99
C GLU B 105 -1.77 -9.50 1.47
N GLY B 106 -3.01 -9.73 1.05
CA GLY B 106 -3.69 -10.99 1.30
C GLY B 106 -2.90 -12.13 0.72
N MET B 107 -2.55 -12.02 -0.56
CA MET B 107 -1.72 -13.00 -1.24
C MET B 107 -0.41 -13.32 -0.50
N LEU B 108 0.37 -12.28 -0.17
CA LEU B 108 1.64 -12.44 0.55
C LEU B 108 1.41 -13.05 1.95
N GLY B 109 0.36 -12.57 2.63
CA GLY B 109 -0.11 -13.14 3.90
C GLY B 109 -0.39 -14.64 3.87
N ILE B 110 -1.12 -15.10 2.85
CA ILE B 110 -1.34 -16.54 2.68
C ILE B 110 -0.03 -17.28 2.45
N MET B 111 0.87 -16.69 1.66
CA MET B 111 2.16 -17.31 1.41
C MET B 111 3.00 -17.44 2.70
N LYS B 112 2.96 -16.42 3.54
CA LYS B 112 3.64 -16.47 4.84
C LYS B 112 3.15 -17.66 5.67
N SER B 113 1.83 -17.81 5.77
CA SER B 113 1.23 -18.94 6.48
C SER B 113 1.63 -20.27 5.88
N CYS B 114 1.67 -20.34 4.54
CA CYS B 114 2.05 -21.58 3.87
C CYS B 114 3.48 -21.98 4.18
N ALA B 115 4.37 -20.98 4.22
CA ALA B 115 5.74 -21.16 4.67
C ALA B 115 5.80 -21.80 6.06
N ALA B 116 5.04 -21.23 7.00
CA ALA B 116 4.97 -21.69 8.40
C ALA B 116 4.28 -23.03 8.60
N ALA B 117 3.47 -23.45 7.62
CA ALA B 117 2.77 -24.72 7.71
C ALA B 117 3.54 -25.83 7.02
N LYS B 118 4.32 -26.57 7.82
CA LYS B 118 5.28 -27.59 7.34
C LYS B 118 4.65 -28.75 6.59
N THR B 119 3.33 -28.87 6.70
CA THR B 119 2.59 -29.94 6.02
C THR B 119 2.22 -29.56 4.57
N VAL B 120 2.16 -28.26 4.29
CA VAL B 120 1.79 -27.78 2.94
C VAL B 120 2.90 -28.02 1.93
N ARG B 121 2.66 -28.95 1.02
CA ARG B 121 3.63 -29.23 -0.03
C ARG B 121 3.54 -28.26 -1.22
N ARG B 122 2.36 -27.72 -1.50
CA ARG B 122 2.16 -26.82 -2.63
C ARG B 122 1.05 -25.80 -2.42
N LEU B 123 1.31 -24.57 -2.84
CA LEU B 123 0.30 -23.52 -2.98
C LEU B 123 -0.04 -23.27 -4.46
N VAL B 124 -1.33 -23.19 -4.76
CA VAL B 124 -1.82 -22.98 -6.11
C VAL B 124 -2.64 -21.70 -6.10
N PHE B 125 -2.11 -20.67 -6.77
CA PHE B 125 -2.77 -19.37 -6.90
C PHE B 125 -3.53 -19.30 -8.23
N THR B 126 -4.80 -18.95 -8.16
CA THR B 126 -5.57 -18.74 -9.36
C THR B 126 -5.30 -17.32 -9.80
N SER B 127 -4.55 -17.16 -10.89
CA SER B 127 -4.28 -15.83 -11.42
C SER B 127 -5.42 -15.43 -12.39
N SER B 128 -5.11 -14.67 -13.43
CA SER B 128 -6.09 -14.14 -14.38
C SER B 128 -5.40 -13.80 -15.72
N ALA B 129 -6.09 -14.03 -16.84
CA ALA B 129 -5.62 -13.57 -18.18
C ALA B 129 -5.32 -12.07 -18.22
N GLY B 130 -5.87 -11.34 -17.26
CA GLY B 130 -5.63 -9.90 -17.17
C GLY B 130 -4.21 -9.59 -16.77
N THR B 131 -3.47 -10.60 -16.32
CA THR B 131 -2.04 -10.45 -16.00
C THR B 131 -1.16 -10.69 -17.24
N VAL B 132 -1.76 -11.19 -18.32
CA VAL B 132 -1.00 -11.62 -19.49
C VAL B 132 -1.09 -10.64 -20.66
N ASN B 133 -2.30 -10.32 -21.13
CA ASN B 133 -2.44 -9.64 -22.44
C ASN B 133 -3.05 -8.25 -22.40
N ILE B 134 -2.93 -7.53 -21.30
CA ILE B 134 -3.39 -6.15 -21.27
C ILE B 134 -2.25 -5.24 -21.73
N GLN B 135 -2.20 -5.02 -23.03
CA GLN B 135 -1.31 -4.06 -23.65
C GLN B 135 -1.96 -3.62 -24.95
N GLU B 136 -1.49 -2.48 -25.47
CA GLU B 136 -2.12 -1.78 -26.58
C GLU B 136 -2.21 -2.62 -27.85
N HIS B 137 -1.13 -3.30 -28.21
CA HIS B 137 -1.13 -4.16 -29.38
C HIS B 137 -1.28 -5.61 -28.93
N GLN B 138 -2.22 -6.32 -29.55
CA GLN B 138 -2.40 -7.72 -29.24
C GLN B 138 -1.55 -8.59 -30.16
N LEU B 139 -0.73 -9.46 -29.55
CA LEU B 139 -0.12 -10.57 -30.26
C LEU B 139 -1.19 -11.58 -30.71
N PRO B 140 -0.89 -12.40 -31.73
CA PRO B 140 -1.83 -13.43 -32.15
C PRO B 140 -1.98 -14.56 -31.12
N VAL B 141 -0.88 -14.92 -30.45
CA VAL B 141 -0.89 -15.98 -29.46
C VAL B 141 -0.10 -15.57 -28.23
N TYR B 142 -0.66 -15.83 -27.06
CA TYR B 142 0.00 -15.53 -25.78
C TYR B 142 0.40 -16.79 -25.06
N ASP B 143 1.51 -16.71 -24.33
CA ASP B 143 1.94 -17.81 -23.52
C ASP B 143 2.36 -17.32 -22.13
N GLU B 144 2.96 -18.21 -21.35
CA GLU B 144 3.26 -17.95 -19.94
C GLU B 144 4.38 -16.94 -19.70
N SER B 145 5.13 -16.62 -20.74
CA SER B 145 6.21 -15.66 -20.64
C SER B 145 5.68 -14.23 -20.69
N CYS B 146 4.41 -14.06 -21.09
CA CYS B 146 3.85 -12.72 -21.29
C CYS B 146 3.21 -12.14 -20.04
N TRP B 147 3.48 -10.85 -19.81
CA TRP B 147 2.92 -10.06 -18.71
C TRP B 147 2.21 -8.80 -19.21
N SER B 148 1.19 -8.36 -18.48
CA SER B 148 0.47 -7.15 -18.86
C SER B 148 1.30 -5.91 -18.60
N ASP B 149 0.93 -4.85 -19.34
CA ASP B 149 1.56 -3.54 -19.29
C ASP B 149 0.77 -2.65 -18.33
N MET B 150 1.31 -2.44 -17.13
CA MET B 150 0.65 -1.68 -16.07
C MET B 150 0.41 -0.21 -16.40
N GLU B 151 1.42 0.42 -17.01
CA GLU B 151 1.32 1.83 -17.41
C GLU B 151 0.14 2.05 -18.37
N PHE B 152 0.01 1.16 -19.35
CA PHE B 152 -1.08 1.21 -20.32
C PHE B 152 -2.42 0.97 -19.64
N CYS B 153 -2.45 -0.01 -18.74
CA CYS B 153 -3.66 -0.40 -18.05
C CYS B 153 -4.22 0.74 -17.21
N ARG B 154 -3.33 1.44 -16.49
CA ARG B 154 -3.71 2.52 -15.61
C ARG B 154 -4.17 3.76 -16.37
N ALA B 155 -3.61 3.94 -17.57
CA ALA B 155 -3.92 5.09 -18.43
C ALA B 155 -5.18 4.89 -19.24
N LYS B 156 -5.31 3.76 -19.92
CA LYS B 156 -6.51 3.45 -20.70
C LYS B 156 -7.79 3.37 -19.85
N LYS B 157 -7.66 2.81 -18.64
CA LYS B 157 -8.78 2.59 -17.72
C LYS B 157 -9.97 1.89 -18.36
N MET B 158 -9.70 0.79 -19.07
CA MET B 158 -10.75 -0.05 -19.62
C MET B 158 -11.59 -0.66 -18.51
N THR B 159 -12.70 -1.27 -18.89
CA THR B 159 -13.52 -2.05 -17.96
C THR B 159 -12.62 -3.08 -17.25
N ALA B 160 -12.69 -3.08 -15.91
CA ALA B 160 -11.95 -4.01 -15.03
C ALA B 160 -10.46 -3.66 -14.83
N TRP B 161 -10.03 -2.47 -15.24
CA TRP B 161 -8.61 -2.09 -15.15
C TRP B 161 -8.01 -2.30 -13.77
N MET B 162 -8.75 -1.90 -12.73
CA MET B 162 -8.28 -1.98 -11.33
C MET B 162 -8.06 -3.43 -10.91
N TYR B 163 -8.97 -4.28 -11.34
CA TYR B 163 -8.91 -5.71 -11.17
C TYR B 163 -7.67 -6.32 -11.85
N PHE B 164 -7.46 -6.01 -13.14
CA PHE B 164 -6.26 -6.50 -13.87
C PHE B 164 -4.95 -6.07 -13.19
N VAL B 165 -4.87 -4.81 -12.78
CA VAL B 165 -3.71 -4.28 -12.04
C VAL B 165 -3.48 -5.03 -10.73
N SER B 166 -4.55 -5.28 -9.98
CA SER B 166 -4.43 -5.98 -8.69
C SER B 166 -3.94 -7.41 -8.83
N LYS B 167 -4.42 -8.13 -9.85
CA LYS B 167 -4.00 -9.51 -10.10
C LYS B 167 -2.56 -9.58 -10.61
N THR B 168 -2.17 -8.62 -11.46
CA THR B 168 -0.81 -8.60 -12.03
C THR B 168 0.22 -8.30 -10.94
N LEU B 169 -0.02 -7.25 -10.16
CA LEU B 169 0.88 -6.92 -9.05
C LEU B 169 0.95 -8.00 -7.97
N ALA B 170 -0.19 -8.63 -7.65
CA ALA B 170 -0.21 -9.73 -6.72
C ALA B 170 0.59 -10.93 -7.21
N GLU B 171 0.44 -11.28 -8.49
CA GLU B 171 1.15 -12.46 -9.00
C GLU B 171 2.65 -12.23 -9.07
N GLN B 172 3.05 -11.03 -9.49
CA GLN B 172 4.47 -10.64 -9.52
C GLN B 172 5.10 -10.64 -8.13
N ALA B 173 4.40 -10.05 -7.14
CA ALA B 173 4.84 -10.09 -5.73
C ALA B 173 4.97 -11.51 -5.21
N ALA B 174 4.02 -12.36 -5.59
CA ALA B 174 3.99 -13.75 -5.14
C ALA B 174 5.19 -14.56 -5.65
N TRP B 175 5.51 -14.42 -6.93
CA TRP B 175 6.72 -15.08 -7.50
C TRP B 175 8.02 -14.63 -6.83
N LYS B 176 8.14 -13.34 -6.54
CA LYS B 176 9.28 -12.80 -5.78
C LYS B 176 9.43 -13.47 -4.41
N TYR B 177 8.35 -13.46 -3.63
CA TYR B 177 8.30 -14.10 -2.32
C TYR B 177 8.62 -15.59 -2.40
N ALA B 178 8.08 -16.27 -3.42
CA ALA B 178 8.22 -17.72 -3.53
C ALA B 178 9.68 -18.10 -3.81
N LYS B 179 10.32 -17.36 -4.71
CA LYS B 179 11.75 -17.53 -5.01
C LYS B 179 12.61 -17.15 -3.78
N GLU B 180 12.28 -16.05 -3.11
CA GLU B 180 13.01 -15.68 -1.90
C GLU B 180 12.95 -16.75 -0.81
N ASN B 181 11.75 -17.28 -0.56
CA ASN B 181 11.51 -18.17 0.57
C ASN B 181 11.26 -19.61 0.18
N ASN B 182 11.63 -19.96 -1.05
CA ASN B 182 11.61 -21.36 -1.50
C ASN B 182 10.27 -22.08 -1.26
N ILE B 183 9.19 -21.45 -1.72
CA ILE B 183 7.84 -22.02 -1.66
C ILE B 183 7.52 -22.72 -2.97
N ASP B 184 7.00 -23.95 -2.90
CA ASP B 184 6.51 -24.65 -4.08
C ASP B 184 5.18 -24.02 -4.48
N PHE B 185 5.25 -23.16 -5.50
CA PHE B 185 4.20 -22.24 -5.86
C PHE B 185 3.86 -22.41 -7.35
N ILE B 186 2.58 -22.59 -7.64
CA ILE B 186 2.05 -22.77 -9.00
C ILE B 186 0.99 -21.70 -9.20
N THR B 187 0.94 -21.07 -10.37
CA THR B 187 -0.18 -20.21 -10.74
C THR B 187 -0.94 -20.75 -11.95
N ILE B 188 -2.25 -20.64 -11.95
CA ILE B 188 -3.07 -21.01 -13.09
C ILE B 188 -3.69 -19.73 -13.63
N ILE B 189 -3.61 -19.56 -14.94
CA ILE B 189 -4.09 -18.33 -15.58
C ILE B 189 -5.30 -18.71 -16.42
N PRO B 190 -6.52 -18.55 -15.86
CA PRO B 190 -7.69 -18.84 -16.66
C PRO B 190 -8.05 -17.66 -17.56
N THR B 191 -8.62 -17.97 -18.70
CA THR B 191 -9.24 -16.94 -19.51
C THR B 191 -10.67 -16.74 -18.98
N LEU B 192 -11.65 -16.50 -19.84
CA LEU B 192 -12.98 -16.22 -19.31
C LEU B 192 -13.69 -17.52 -19.02
N VAL B 193 -14.03 -17.73 -17.74
CA VAL B 193 -14.60 -18.98 -17.27
C VAL B 193 -16.12 -19.00 -17.38
N VAL B 194 -16.63 -20.03 -18.03
CA VAL B 194 -18.03 -20.12 -18.39
C VAL B 194 -18.46 -21.55 -18.17
N GLY B 195 -19.64 -21.73 -17.61
CA GLY B 195 -20.23 -23.04 -17.50
C GLY B 195 -21.40 -23.01 -16.56
N PRO B 196 -21.92 -24.19 -16.21
CA PRO B 196 -22.92 -24.28 -15.16
C PRO B 196 -22.23 -23.98 -13.81
N PHE B 197 -23.03 -23.69 -12.79
CA PHE B 197 -22.52 -23.33 -11.46
C PHE B 197 -23.46 -23.76 -10.35
N ILE B 198 -22.95 -23.77 -9.11
CA ILE B 198 -23.76 -24.19 -7.97
C ILE B 198 -24.24 -23.05 -7.07
N MET B 199 -23.61 -21.88 -7.18
CA MET B 199 -23.97 -20.72 -6.37
C MET B 199 -25.31 -20.16 -6.84
N SER B 200 -25.92 -19.29 -6.04
CA SER B 200 -27.29 -18.83 -6.30
C SER B 200 -27.39 -17.44 -6.90
N SER B 201 -26.26 -16.73 -6.96
CA SER B 201 -26.23 -15.41 -7.60
C SER B 201 -25.45 -15.44 -8.92
N MET B 202 -25.51 -14.36 -9.67
CA MET B 202 -24.85 -14.28 -10.97
C MET B 202 -23.32 -14.24 -10.83
N PRO B 203 -22.63 -15.26 -11.39
CA PRO B 203 -21.17 -15.26 -11.45
C PRO B 203 -20.66 -14.05 -12.24
N PRO B 204 -19.70 -13.29 -11.69
CA PRO B 204 -19.13 -12.10 -12.38
C PRO B 204 -18.68 -12.34 -13.82
N SER B 205 -18.10 -13.49 -14.12
CA SER B 205 -17.64 -13.71 -15.48
C SER B 205 -18.78 -13.95 -16.49
N LEU B 206 -19.91 -14.39 -15.97
CA LEU B 206 -21.06 -14.61 -16.83
C LEU B 206 -21.77 -13.30 -17.17
N ILE B 207 -21.54 -12.27 -16.37
CA ILE B 207 -21.96 -10.93 -16.73
C ILE B 207 -21.24 -10.53 -18.01
N THR B 208 -19.95 -10.87 -18.10
CA THR B 208 -19.16 -10.65 -19.30
C THR B 208 -19.54 -11.61 -20.41
N ALA B 209 -19.55 -12.91 -20.12
CA ALA B 209 -19.78 -13.94 -21.15
C ALA B 209 -21.13 -13.83 -21.82
N LEU B 210 -22.12 -13.36 -21.08
CA LEU B 210 -23.49 -13.32 -21.56
C LEU B 210 -23.94 -11.93 -21.98
N SER B 211 -22.96 -10.99 -22.05
CA SER B 211 -23.31 -9.60 -22.38
C SER B 211 -23.91 -9.52 -23.80
N PRO B 212 -23.54 -10.34 -24.82
CA PRO B 212 -24.23 -10.24 -26.10
C PRO B 212 -25.71 -10.62 -25.92
N ILE B 213 -26.17 -11.31 -24.87
CA ILE B 213 -27.59 -11.59 -24.57
C ILE B 213 -28.26 -10.45 -23.79
N THR B 214 -27.57 -9.97 -22.75
CA THR B 214 -28.10 -8.94 -21.87
C THR B 214 -27.89 -7.52 -22.42
N GLY B 215 -27.03 -7.39 -23.42
CA GLY B 215 -26.73 -6.09 -24.02
C GLY B 215 -25.83 -5.20 -23.18
N ASN B 216 -25.06 -5.81 -22.28
CA ASN B 216 -24.16 -5.04 -21.41
C ASN B 216 -22.86 -4.69 -22.14
N GLU B 217 -22.90 -3.56 -22.87
CA GLU B 217 -21.85 -3.19 -23.81
C GLU B 217 -20.49 -2.92 -23.17
N ALA B 218 -20.51 -2.40 -21.95
CA ALA B 218 -19.28 -2.14 -21.19
C ALA B 218 -18.38 -3.37 -21.06
N HIS B 219 -18.96 -4.55 -21.23
CA HIS B 219 -18.22 -5.78 -21.07
C HIS B 219 -17.70 -6.32 -22.38
N TYR B 220 -18.12 -5.69 -23.50
CA TYR B 220 -17.71 -6.19 -24.82
C TYR B 220 -16.19 -6.13 -25.04
N SER B 221 -15.52 -5.18 -24.39
CA SER B 221 -14.08 -4.99 -24.58
C SER B 221 -13.23 -6.18 -24.14
N ILE B 222 -13.77 -6.99 -23.22
CA ILE B 222 -13.11 -8.20 -22.75
C ILE B 222 -13.31 -9.37 -23.72
N ILE B 223 -14.48 -9.42 -24.35
CA ILE B 223 -14.78 -10.51 -25.28
C ILE B 223 -14.62 -10.18 -26.78
N ARG B 224 -14.24 -8.93 -27.07
CA ARG B 224 -13.95 -8.46 -28.44
C ARG B 224 -13.04 -9.42 -29.19
N GLN B 225 -11.90 -9.72 -28.58
CA GLN B 225 -11.07 -10.85 -28.98
C GLN B 225 -11.00 -11.71 -27.74
N GLY B 226 -11.93 -12.65 -27.65
CA GLY B 226 -12.13 -13.39 -26.42
C GLY B 226 -11.47 -14.75 -26.38
N GLN B 227 -11.17 -15.20 -25.16
CA GLN B 227 -10.73 -16.57 -24.91
C GLN B 227 -11.54 -17.12 -23.76
N PHE B 228 -11.80 -18.43 -23.78
CA PHE B 228 -12.78 -19.01 -22.87
C PHE B 228 -12.27 -20.35 -22.37
N VAL B 229 -12.69 -20.72 -21.17
CA VAL B 229 -12.48 -22.07 -20.64
C VAL B 229 -13.72 -22.54 -19.85
N HIS B 230 -14.05 -23.82 -19.91
CA HIS B 230 -15.15 -24.38 -19.15
C HIS B 230 -14.77 -24.49 -17.67
N LEU B 231 -15.68 -24.09 -16.79
CA LEU B 231 -15.47 -24.18 -15.32
C LEU B 231 -14.93 -25.51 -14.82
N ASP B 232 -15.49 -26.60 -15.31
CA ASP B 232 -15.11 -27.94 -14.89
C ASP B 232 -13.72 -28.36 -15.39
N ASP B 233 -13.35 -27.93 -16.60
CA ASP B 233 -11.99 -28.13 -17.12
C ASP B 233 -11.00 -27.34 -16.25
N LEU B 234 -11.35 -26.11 -15.93
CA LEU B 234 -10.52 -25.29 -15.05
C LEU B 234 -10.32 -25.89 -13.65
N CYS B 235 -11.40 -26.41 -13.04
CA CYS B 235 -11.28 -26.98 -11.68
C CYS B 235 -10.48 -28.27 -11.69
N ASN B 236 -10.63 -29.07 -12.76
CA ASN B 236 -9.79 -30.27 -12.93
C ASN B 236 -8.33 -29.94 -13.19
N ALA B 237 -8.08 -28.82 -13.87
CA ALA B 237 -6.72 -28.32 -14.06
C ALA B 237 -6.06 -27.97 -12.72
N HIS B 238 -6.83 -27.34 -11.83
CA HIS B 238 -6.37 -27.00 -10.48
C HIS B 238 -5.90 -28.23 -9.73
N ILE B 239 -6.76 -29.24 -9.68
CA ILE B 239 -6.46 -30.49 -8.98
C ILE B 239 -5.27 -31.17 -9.63
N TYR B 240 -5.28 -31.19 -10.96
CA TYR B 240 -4.22 -31.75 -11.78
C TYR B 240 -2.86 -31.17 -11.47
N LEU B 241 -2.77 -29.85 -11.42
CA LEU B 241 -1.49 -29.18 -11.18
C LEU B 241 -1.05 -29.30 -9.71
N PHE B 242 -2.01 -29.47 -8.80
CA PHE B 242 -1.67 -29.64 -7.40
C PHE B 242 -1.06 -31.02 -7.18
N GLU B 243 -1.66 -32.03 -7.81
CA GLU B 243 -1.25 -33.43 -7.73
C GLU B 243 -0.01 -33.80 -8.59
N ASN B 244 0.20 -33.13 -9.72
CA ASN B 244 1.35 -33.42 -10.61
C ASN B 244 2.67 -32.88 -10.05
N PRO B 245 3.58 -33.78 -9.65
CA PRO B 245 4.85 -33.35 -9.07
C PRO B 245 5.74 -32.59 -10.07
N LYS B 246 5.57 -32.88 -11.36
CA LYS B 246 6.40 -32.28 -12.40
C LYS B 246 6.01 -30.83 -12.71
N ALA B 247 4.88 -30.36 -12.17
CA ALA B 247 4.39 -29.02 -12.47
C ALA B 247 5.27 -27.93 -11.87
N GLU B 248 5.65 -26.91 -12.70
CA GLU B 248 6.42 -25.74 -12.25
C GLU B 248 5.95 -24.49 -12.99
N GLY B 249 5.92 -23.37 -12.25
CA GLY B 249 5.70 -22.06 -12.86
C GLY B 249 4.26 -21.70 -13.11
N ARG B 250 4.03 -20.92 -14.16
CA ARG B 250 2.70 -20.50 -14.56
C ARG B 250 2.09 -21.43 -15.59
N TYR B 251 0.78 -21.61 -15.51
CA TYR B 251 0.07 -22.36 -16.54
C TYR B 251 -1.15 -21.63 -17.04
N ILE B 252 -1.20 -21.37 -18.34
CA ILE B 252 -2.44 -20.89 -18.96
C ILE B 252 -3.45 -22.04 -19.10
N CYS B 253 -4.70 -21.79 -18.72
CA CYS B 253 -5.79 -22.77 -18.89
C CYS B 253 -6.87 -22.11 -19.73
N SER B 254 -6.85 -22.39 -21.03
CA SER B 254 -7.77 -21.78 -22.02
C SER B 254 -7.97 -22.79 -23.14
N SER B 255 -9.22 -23.03 -23.51
CA SER B 255 -9.49 -24.06 -24.49
C SER B 255 -9.97 -23.53 -25.86
N HIS B 256 -10.47 -22.31 -25.90
CA HIS B 256 -11.13 -21.78 -27.09
C HIS B 256 -10.90 -20.30 -27.20
N ASP B 257 -10.86 -19.81 -28.43
CA ASP B 257 -10.72 -18.39 -28.70
C ASP B 257 -11.48 -17.98 -29.94
N CYS B 258 -12.18 -16.86 -29.87
CA CYS B 258 -12.87 -16.32 -31.03
C CYS B 258 -13.25 -14.88 -30.77
N ILE B 259 -13.43 -14.10 -31.83
CA ILE B 259 -13.86 -12.71 -31.72
C ILE B 259 -15.35 -12.64 -31.40
N ILE B 260 -15.77 -11.51 -30.86
CA ILE B 260 -17.15 -11.31 -30.44
C ILE B 260 -18.19 -11.66 -31.52
N LEU B 261 -17.84 -11.43 -32.80
CA LEU B 261 -18.76 -11.73 -33.91
C LEU B 261 -19.06 -13.20 -33.99
N ASP B 262 -18.03 -14.01 -33.80
CA ASP B 262 -18.14 -15.47 -33.88
C ASP B 262 -18.86 -16.03 -32.67
N LEU B 263 -18.71 -15.36 -31.53
CA LEU B 263 -19.42 -15.74 -30.30
C LEU B 263 -20.91 -15.49 -30.45
N ALA B 264 -21.27 -14.29 -30.93
CA ALA B 264 -22.65 -13.88 -31.12
C ALA B 264 -23.37 -14.72 -32.17
N LYS B 265 -22.66 -15.10 -33.23
CA LYS B 265 -23.22 -15.98 -34.25
C LYS B 265 -23.63 -17.32 -33.64
N MET B 266 -22.74 -17.88 -32.82
CA MET B 266 -22.98 -19.12 -32.11
C MET B 266 -24.17 -18.99 -31.14
N LEU B 267 -24.23 -17.87 -30.43
CA LEU B 267 -25.32 -17.62 -29.50
C LEU B 267 -26.65 -17.43 -30.22
N ARG B 268 -26.65 -16.69 -31.34
CA ARG B 268 -27.85 -16.46 -32.15
C ARG B 268 -28.45 -17.74 -32.74
N GLU B 269 -27.59 -18.64 -33.22
CA GLU B 269 -28.02 -19.90 -33.81
C GLU B 269 -28.54 -20.90 -32.77
N LYS B 270 -28.07 -20.74 -31.53
CA LYS B 270 -28.44 -21.64 -30.43
C LYS B 270 -29.62 -21.10 -29.62
N TYR B 271 -29.74 -19.77 -29.53
CA TYR B 271 -30.80 -19.11 -28.76
C TYR B 271 -31.50 -18.03 -29.56
N PRO B 272 -32.33 -18.43 -30.54
CA PRO B 272 -33.14 -17.46 -31.30
C PRO B 272 -34.14 -16.63 -30.47
N GLU B 273 -34.55 -17.14 -29.31
CA GLU B 273 -35.46 -16.45 -28.38
C GLU B 273 -34.91 -15.17 -27.79
N TYR B 274 -33.60 -14.99 -27.87
CA TYR B 274 -32.93 -13.83 -27.31
C TYR B 274 -32.61 -12.79 -28.38
N ASN B 275 -32.49 -11.52 -27.98
CA ASN B 275 -32.13 -10.46 -28.91
C ASN B 275 -30.62 -10.20 -28.93
N ILE B 276 -29.92 -11.03 -29.71
CA ILE B 276 -28.47 -10.96 -29.83
C ILE B 276 -28.09 -10.21 -31.11
N PRO B 277 -27.37 -9.07 -30.96
CA PRO B 277 -26.91 -8.26 -32.08
C PRO B 277 -26.20 -9.05 -33.17
N THR B 278 -26.24 -8.52 -34.39
CA THR B 278 -25.57 -9.10 -35.54
C THR B 278 -24.32 -8.29 -35.91
N GLU B 279 -24.24 -7.06 -35.39
CA GLU B 279 -23.11 -6.17 -35.65
C GLU B 279 -22.63 -5.50 -34.37
N PHE B 280 -21.30 -5.36 -34.25
CA PHE B 280 -20.69 -4.70 -33.10
C PHE B 280 -19.77 -3.58 -33.57
N LYS B 281 -19.95 -2.39 -33.00
CA LYS B 281 -19.15 -1.21 -33.33
C LYS B 281 -17.66 -1.44 -33.13
N GLY B 282 -16.87 -1.12 -34.16
CA GLY B 282 -15.42 -1.29 -34.13
C GLY B 282 -14.92 -2.71 -34.39
N VAL B 283 -15.80 -3.58 -34.89
CA VAL B 283 -15.43 -4.97 -35.10
C VAL B 283 -15.89 -5.43 -36.48
N ASP B 284 -14.97 -6.06 -37.23
CA ASP B 284 -15.33 -6.67 -38.52
C ASP B 284 -14.74 -8.07 -38.65
N GLU B 285 -15.17 -8.77 -39.69
CA GLU B 285 -14.77 -10.18 -39.92
C GLU B 285 -13.25 -10.37 -39.99
N ASN B 286 -12.54 -9.29 -40.30
CA ASN B 286 -11.08 -9.32 -40.47
C ASN B 286 -10.29 -9.23 -39.18
N LEU B 287 -10.97 -8.89 -38.08
CA LEU B 287 -10.33 -8.86 -36.77
C LEU B 287 -9.76 -10.22 -36.42
N LYS B 288 -8.47 -10.21 -36.14
CA LYS B 288 -7.68 -11.35 -35.69
C LYS B 288 -8.27 -11.94 -34.40
N SER B 289 -8.42 -13.25 -34.37
CA SER B 289 -8.64 -13.92 -33.10
C SER B 289 -7.33 -13.93 -32.35
N VAL B 290 -7.40 -13.72 -31.04
CA VAL B 290 -6.23 -13.78 -30.19
C VAL B 290 -6.30 -15.02 -29.33
N CYS B 291 -5.27 -15.85 -29.44
CA CYS B 291 -5.22 -17.16 -28.79
C CYS B 291 -4.37 -17.15 -27.51
N PHE B 292 -4.86 -17.84 -26.49
CA PHE B 292 -4.06 -18.16 -25.30
C PHE B 292 -3.62 -19.61 -25.41
N SER B 293 -2.32 -19.83 -25.44
CA SER B 293 -1.81 -21.17 -25.64
C SER B 293 -1.72 -21.95 -24.34
N SER B 294 -2.34 -23.12 -24.31
CA SER B 294 -2.31 -23.99 -23.13
C SER B 294 -1.35 -25.16 -23.29
N LYS B 295 -0.37 -25.02 -24.18
CA LYS B 295 0.51 -26.12 -24.53
C LYS B 295 1.35 -26.60 -23.35
N LYS B 296 1.81 -25.67 -22.52
CA LYS B 296 2.52 -26.05 -21.30
C LYS B 296 1.68 -27.01 -20.44
N LEU B 297 0.39 -26.71 -20.27
CA LEU B 297 -0.50 -27.58 -19.50
C LEU B 297 -0.75 -28.92 -20.17
N THR B 298 -1.12 -28.90 -21.46
CA THR B 298 -1.39 -30.13 -22.20
C THR B 298 -0.14 -31.01 -22.44
N ASP B 299 1.04 -30.39 -22.53
CA ASP B 299 2.31 -31.13 -22.59
C ASP B 299 2.53 -32.01 -21.36
N LEU B 300 1.95 -31.63 -20.21
CA LEU B 300 2.04 -32.39 -18.96
C LEU B 300 1.24 -33.67 -19.03
N GLY B 301 0.16 -33.65 -19.81
CA GLY B 301 -0.73 -34.78 -19.93
C GLY B 301 -2.21 -34.44 -19.73
N PHE B 302 -2.50 -33.19 -19.38
CA PHE B 302 -3.87 -32.72 -19.13
C PHE B 302 -4.70 -32.61 -20.42
N GLU B 303 -5.94 -33.08 -20.36
CA GLU B 303 -6.84 -33.00 -21.50
C GLU B 303 -8.11 -32.18 -21.20
N PHE B 304 -8.37 -31.17 -22.02
CA PHE B 304 -9.64 -30.46 -22.01
C PHE B 304 -10.75 -31.37 -22.53
N LYS B 305 -11.92 -31.29 -21.91
CA LYS B 305 -13.02 -32.20 -22.21
C LYS B 305 -14.22 -31.51 -22.84
N TYR B 306 -14.30 -30.19 -22.71
CA TYR B 306 -15.50 -29.45 -23.07
C TYR B 306 -15.31 -28.45 -24.21
N SER B 307 -16.38 -28.25 -24.97
CA SER B 307 -16.40 -27.36 -26.13
C SER B 307 -16.98 -26.01 -25.76
N LEU B 308 -16.85 -25.05 -26.67
CA LEU B 308 -17.39 -23.71 -26.43
C LEU B 308 -18.91 -23.76 -26.29
N GLU B 309 -19.54 -24.61 -27.09
CA GLU B 309 -20.98 -24.79 -27.03
C GLU B 309 -21.38 -25.40 -25.70
N ASP B 310 -20.64 -26.42 -25.26
CA ASP B 310 -20.84 -27.00 -23.92
C ASP B 310 -20.87 -25.90 -22.84
N MET B 311 -19.84 -25.04 -22.84
CA MET B 311 -19.71 -23.96 -21.85
C MET B 311 -20.93 -23.07 -21.77
N PHE B 312 -21.37 -22.61 -22.94
CA PHE B 312 -22.41 -21.58 -22.97
C PHE B 312 -23.80 -22.14 -22.73
N THR B 313 -24.07 -23.36 -23.19
N THR B 313 -24.09 -23.36 -23.22
CA THR B 313 -25.35 -23.99 -22.92
CA THR B 313 -25.36 -24.02 -22.91
C THR B 313 -25.50 -24.29 -21.43
C THR B 313 -25.48 -24.25 -21.41
N GLY B 314 -24.41 -24.74 -20.80
CA GLY B 314 -24.38 -24.98 -19.37
C GLY B 314 -24.62 -23.72 -18.57
N ALA B 315 -24.01 -22.61 -19.01
CA ALA B 315 -24.18 -21.32 -18.35
C ALA B 315 -25.60 -20.75 -18.51
N VAL B 316 -26.11 -20.77 -19.75
CA VAL B 316 -27.45 -20.24 -20.05
C VAL B 316 -28.54 -21.08 -19.40
N ASP B 317 -28.42 -22.40 -19.46
CA ASP B 317 -29.38 -23.29 -18.81
C ASP B 317 -29.43 -23.10 -17.29
N THR B 318 -28.27 -22.97 -16.67
CA THR B 318 -28.21 -22.76 -15.22
C THR B 318 -28.84 -21.43 -14.84
N CYS B 319 -28.48 -20.37 -15.57
CA CYS B 319 -29.05 -19.04 -15.29
C CYS B 319 -30.56 -19.03 -15.44
N ARG B 320 -31.06 -19.73 -16.45
CA ARG B 320 -32.50 -19.89 -16.64
C ARG B 320 -33.17 -20.63 -15.48
N ALA B 321 -32.63 -21.80 -15.13
CA ALA B 321 -33.12 -22.63 -14.04
C ALA B 321 -33.21 -21.85 -12.73
N LYS B 322 -32.20 -21.00 -12.47
CA LYS B 322 -32.15 -20.21 -11.24
C LYS B 322 -32.84 -18.85 -11.32
N GLY B 323 -33.41 -18.52 -12.47
CA GLY B 323 -34.10 -17.24 -12.63
C GLY B 323 -33.19 -16.03 -12.77
N LEU B 324 -31.94 -16.26 -13.17
CA LEU B 324 -30.96 -15.17 -13.32
C LEU B 324 -30.94 -14.58 -14.73
N LEU B 325 -31.53 -15.32 -15.67
CA LEU B 325 -31.74 -14.85 -17.04
C LEU B 325 -33.20 -15.12 -17.39
N PRO B 326 -33.87 -14.18 -18.08
CA PRO B 326 -35.23 -14.45 -18.58
C PRO B 326 -35.25 -15.67 -19.52
N PRO B 327 -36.39 -16.39 -19.59
CA PRO B 327 -36.40 -17.54 -20.50
C PRO B 327 -36.33 -17.12 -21.99
N SER B 328 -36.75 -15.88 -22.29
CA SER B 328 -36.77 -15.31 -23.65
C SER B 328 -36.85 -13.78 -23.62
N HIS B 329 -36.63 -13.15 -24.77
CA HIS B 329 -36.80 -11.70 -24.90
C HIS B 329 -38.07 -11.39 -25.66
N GLU B 330 -38.76 -10.32 -25.26
CA GLU B 330 -39.99 -9.90 -25.94
C GLU B 330 -39.68 -9.07 -27.18
PA NAP C . 11.64 20.57 5.22
O1A NAP C . 10.46 20.70 4.35
O2A NAP C . 12.48 21.77 5.30
O5B NAP C . 12.45 19.26 4.80
C5B NAP C . 11.77 18.19 4.21
C4B NAP C . 12.64 17.66 3.09
O4B NAP C . 12.03 16.52 2.56
C3B NAP C . 12.72 18.67 1.95
O3B NAP C . 13.96 19.30 1.96
C2B NAP C . 12.64 17.85 0.69
O2B NAP C . 13.90 17.89 0.09
C1B NAP C . 12.34 16.44 1.19
N9A NAP C . 11.24 15.84 0.44
C8A NAP C . 9.97 16.33 0.28
N7A NAP C . 9.27 15.45 -0.47
C5A NAP C . 10.08 14.44 -0.77
C6A NAP C . 9.86 13.29 -1.51
N6A NAP C . 8.66 13.12 -2.04
N1A NAP C . 10.89 12.39 -1.67
C2A NAP C . 12.13 12.62 -1.11
N3A NAP C . 12.33 13.76 -0.36
C4A NAP C . 11.32 14.65 -0.21
O3 NAP C . 11.08 20.10 6.65
PN NAP C . 11.81 19.96 8.05
O1N NAP C . 11.25 21.05 8.90
O2N NAP C . 13.26 19.85 7.82
O5D NAP C . 11.33 18.53 8.56
C5D NAP C . 12.12 17.38 8.40
C4D NAP C . 11.49 16.23 9.17
O4D NAP C . 11.22 16.62 10.50
C3D NAP C . 10.18 15.74 8.58
O3D NAP C . 10.18 14.32 8.60
C2D NAP C . 9.12 16.27 9.52
O2D NAP C . 8.01 15.42 9.58
C1D NAP C . 9.89 16.29 10.84
N1N NAP C . 9.46 17.28 11.83
C2N NAP C . 9.70 18.61 11.66
C3N NAP C . 9.32 19.51 12.65
C7N NAP C . 9.66 20.96 12.55
O7N NAP C . 9.03 21.85 13.43
N7N NAP C . 10.56 21.35 11.65
C4N NAP C . 8.70 19.06 13.81
C5N NAP C . 8.47 17.69 13.98
C6N NAP C . 8.87 16.81 12.98
P2B NAP C . 14.10 18.14 -1.50
O1X NAP C . 13.03 19.11 -1.93
O2X NAP C . 15.50 18.64 -1.80
O3X NAP C . 14.01 16.80 -2.21
O13 ERD D . 6.03 18.50 12.62
C9 ERD D . 5.58 19.49 13.15
C10 ERD D . 5.27 19.50 14.62
C11 ERD D . 3.87 20.12 14.72
C14 ERD D . 3.40 20.12 16.12
C15 ERD D . 4.03 20.78 17.17
C16 ERD D . 3.46 20.70 18.45
C17 ERD D . 2.28 19.96 18.65
O24 ERD D . 1.72 19.87 19.87
C18 ERD D . 1.68 19.32 17.59
O23 ERD D . 0.54 18.57 17.73
C19 ERD D . 2.24 19.41 16.33
O12 ERD D . 3.79 21.42 14.10
C4 ERD D . 4.37 21.65 12.89
C3 ERD D . 5.29 20.74 12.38
C5 ERD D . 4.08 22.83 12.19
C6 ERD D . 4.71 23.05 10.96
O29 ERD D . 4.43 24.19 10.29
C1 ERD D . 5.62 22.12 10.44
C2 ERD D . 5.92 20.96 11.17
O30 ERD D . 6.79 20.02 10.70
PA NAP E . -16.34 -14.76 -7.48
O1A NAP E . -16.74 -13.38 -7.18
O2A NAP E . -17.45 -15.69 -7.73
O5B NAP E . -15.50 -15.30 -6.23
C5B NAP E . -14.58 -14.44 -5.61
C4B NAP E . -14.59 -14.84 -4.14
O4B NAP E . -13.65 -14.07 -3.43
C3B NAP E . -15.95 -14.61 -3.52
O3B NAP E . -16.41 -15.88 -3.13
C2B NAP E . -15.70 -13.79 -2.28
O2B NAP E . -16.19 -14.53 -1.18
C1B NAP E . -14.20 -13.75 -2.18
N9A NAP E . -13.70 -12.46 -1.73
C8A NAP E . -13.97 -11.22 -2.23
N7A NAP E . -13.31 -10.30 -1.47
C5A NAP E . -12.63 -10.97 -0.51
C6A NAP E . -11.80 -10.54 0.53
N6A NAP E . -11.54 -9.25 0.70
N1A NAP E . -11.25 -11.48 1.38
C2A NAP E . -11.50 -12.83 1.21
N3A NAP E . -12.33 -13.25 0.18
C4A NAP E . -12.88 -12.32 -0.66
O3 NAP E . -15.24 -14.80 -8.66
PN NAP E . -14.69 -16.10 -9.44
O1N NAP E . -15.20 -15.99 -10.82
O2N NAP E . -14.99 -17.23 -8.57
O5D NAP E . -13.10 -15.97 -9.46
C5D NAP E . -12.31 -16.63 -8.50
C4D NAP E . -10.84 -16.46 -8.86
O4D NAP E . -10.59 -16.83 -10.21
C3D NAP E . -10.34 -15.04 -8.70
O3D NAP E . -9.02 -15.10 -8.20
C2D NAP E . -10.30 -14.54 -10.12
O2D NAP E . -9.32 -13.55 -10.24
C1D NAP E . -9.91 -15.79 -10.87
N1N NAP E . -10.30 -15.73 -12.28
C2N NAP E . -11.62 -15.73 -12.64
C3N NAP E . -11.98 -15.68 -13.98
C7N NAP E . -13.40 -15.91 -14.39
O7N NAP E . -13.66 -15.81 -15.76
N7N NAP E . -14.36 -16.22 -13.49
C4N NAP E . -10.99 -15.62 -14.95
C5N NAP E . -9.65 -15.62 -14.58
C6N NAP E . -9.32 -15.69 -13.23
P2B NAP E . -17.28 -13.99 -0.13
O1X NAP E . -18.15 -12.96 -0.82
O2X NAP E . -17.99 -15.18 0.48
O3X NAP E . -16.54 -13.35 1.02
O13 ERD F . -10.28 -12.57 -14.73
C9 ERD F . -10.97 -12.59 -15.72
C10 ERD F . -10.46 -13.08 -17.04
C11 ERD F . -10.64 -11.85 -17.92
C14 ERD F . -9.99 -11.96 -19.25
C15 ERD F . -10.32 -12.95 -20.18
C16 ERD F . -9.66 -12.99 -21.42
C17 ERD F . -8.67 -12.01 -21.71
O24 ERD F . -8.02 -12.02 -22.91
C18 ERD F . -8.37 -11.03 -20.77
O23 ERD F . -7.43 -10.08 -21.03
C19 ERD F . -9.02 -11.00 -19.55
O12 ERD F . -12.02 -11.44 -17.96
C4 ERD F . -12.81 -11.45 -16.85
C3 ERD F . -12.36 -12.04 -15.67
C5 ERD F . -14.09 -10.89 -16.90
C6 ERD F . -14.89 -10.95 -15.77
O29 ERD F . -16.12 -10.39 -15.82
C1 ERD F . -14.43 -11.53 -14.58
C2 ERD F . -13.15 -12.07 -14.54
O30 ERD F . -12.69 -12.66 -13.38
#